data_3M6N
#
_entry.id   3M6N
#
_cell.length_a   96.768
_cell.length_b   112.342
_cell.length_c   119.616
_cell.angle_alpha   90.000
_cell.angle_beta   90.000
_cell.angle_gamma   90.000
#
_symmetry.space_group_name_H-M   'P 21 21 21'
#
loop_
_entity.id
_entity.type
_entity.pdbx_description
1 polymer 'RpfF protein'
2 water water
#
_entity_poly.entity_id   1
_entity_poly.type   'polypeptide(L)'
_entity_poly.pdbx_seq_one_letter_code
;MGSSHHHHHHSQDPNSMSAVQPFIRTNIGSTLRIIEEPQRDVYWIHMHADLAINPGRACFSTRLVDDITGYQTNLGQRLN
TAGVLAPHVVLASDSDVFNLGGDLALFCQLIREGDRARLLDYAQRCVRGVHAFHVGLGARAHSIALVQGNALGGGFEAAL
SCHTIIAEEGVMMGLPEVLFDLFPGMGAYSFMCQRISAHLAQKIMLEGNLYSAEQLLGMGLVDRVVPRGQGVAAVEQVIR
ESKRTPHAWAAMQQVREMTTAVPLEEMMRITEIWVDTAMQLGEKSLRTMDRLVRAQSRRSGLDAG
;
_entity_poly.pdbx_strand_id   A,B,C
#
# COMPACT_ATOMS: atom_id res chain seq x y z
N GLY A 29 -11.05 -37.58 -4.85
CA GLY A 29 -9.73 -37.04 -4.42
C GLY A 29 -8.58 -37.64 -5.21
N SER A 30 -8.91 -38.33 -6.30
CA SER A 30 -7.90 -38.97 -7.14
C SER A 30 -6.94 -37.96 -7.74
N THR A 31 -7.34 -36.70 -7.78
CA THR A 31 -6.51 -35.65 -8.36
C THR A 31 -5.43 -35.19 -7.38
N LEU A 32 -5.56 -35.61 -6.12
CA LEU A 32 -4.64 -35.18 -5.08
C LEU A 32 -3.91 -36.34 -4.43
N ARG A 33 -2.66 -36.10 -4.06
CA ARG A 33 -1.92 -37.03 -3.21
C ARG A 33 -1.68 -36.36 -1.87
N ILE A 34 -2.34 -36.86 -0.83
CA ILE A 34 -2.30 -36.23 0.48
C ILE A 34 -1.33 -36.93 1.44
N ILE A 35 -0.46 -36.15 2.06
CA ILE A 35 0.41 -36.65 3.11
C ILE A 35 0.16 -35.88 4.39
N GLU A 36 -0.34 -36.57 5.41
CA GLU A 36 -0.68 -35.91 6.67
C GLU A 36 0.22 -36.35 7.82
N GLU A 37 0.70 -35.37 8.58
CA GLU A 37 1.61 -35.61 9.70
C GLU A 37 1.02 -35.01 10.97
N PRO A 38 0.06 -35.73 11.58
CA PRO A 38 -0.70 -35.25 12.73
C PRO A 38 0.20 -34.83 13.89
N GLN A 39 1.22 -35.62 14.17
CA GLN A 39 2.10 -35.33 15.30
C GLN A 39 2.60 -33.90 15.29
N ARG A 40 3.04 -33.44 14.13
CA ARG A 40 3.57 -32.09 13.99
C ARG A 40 2.57 -31.16 13.31
N ASP A 41 1.40 -31.71 12.99
CA ASP A 41 0.35 -30.95 12.32
C ASP A 41 0.84 -30.25 11.06
N VAL A 42 1.49 -31.02 10.19
CA VAL A 42 1.89 -30.54 8.87
C VAL A 42 1.18 -31.39 7.82
N TYR A 43 0.57 -30.73 6.85
CA TYR A 43 -0.25 -31.43 5.86
C TYR A 43 0.13 -31.03 4.43
N TRP A 44 0.33 -32.03 3.59
CA TRP A 44 0.79 -31.81 2.22
C TRP A 44 -0.28 -32.12 1.19
N ILE A 45 -0.54 -31.16 0.32
CA ILE A 45 -1.49 -31.35 -0.78
C ILE A 45 -0.74 -31.34 -2.11
N HIS A 46 -0.68 -32.50 -2.75
CA HIS A 46 0.00 -32.62 -4.04
C HIS A 46 -1.02 -32.66 -5.18
N MET A 47 -1.02 -31.63 -6.03
CA MET A 47 -1.94 -31.56 -7.15
C MET A 47 -1.54 -32.48 -8.30
N HIS A 48 -2.52 -32.88 -9.09
CA HIS A 48 -2.27 -33.62 -10.33
C HIS A 48 -1.76 -35.05 -10.10
N ALA A 49 -2.26 -35.69 -9.05
CA ALA A 49 -1.90 -37.07 -8.76
C ALA A 49 -2.52 -38.01 -9.80
N ASP A 50 -3.55 -37.52 -10.47
CA ASP A 50 -4.26 -38.31 -11.47
C ASP A 50 -3.51 -38.40 -12.80
N LEU A 51 -2.67 -37.40 -13.05
CA LEU A 51 -1.92 -37.35 -14.30
C LEU A 51 -0.72 -38.28 -14.27
N ARG A 57 -4.16 -31.73 -19.28
CA ARG A 57 -3.18 -30.75 -18.84
C ARG A 57 -3.26 -30.51 -17.33
N ALA A 58 -2.15 -30.09 -16.75
CA ALA A 58 -2.09 -29.84 -15.31
C ALA A 58 -2.73 -28.50 -14.96
N CYS A 59 -4.06 -28.46 -15.03
CA CYS A 59 -4.79 -27.23 -14.75
C CYS A 59 -5.83 -27.45 -13.65
N PHE A 60 -6.56 -26.39 -13.32
CA PHE A 60 -7.62 -26.49 -12.33
C PHE A 60 -8.91 -27.02 -12.95
N SER A 61 -8.93 -28.33 -13.20
CA SER A 61 -10.13 -28.98 -13.70
C SER A 61 -11.19 -28.93 -12.61
N THR A 62 -12.46 -29.15 -12.98
CA THR A 62 -13.54 -29.14 -12.01
C THR A 62 -13.28 -30.19 -10.93
N ARG A 63 -12.68 -31.31 -11.35
CA ARG A 63 -12.38 -32.40 -10.42
C ARG A 63 -11.32 -31.99 -9.42
N LEU A 64 -10.27 -31.33 -9.89
CA LEU A 64 -9.19 -30.86 -9.03
C LEU A 64 -9.72 -29.83 -8.03
N VAL A 65 -10.51 -28.89 -8.52
CA VAL A 65 -11.07 -27.84 -7.67
C VAL A 65 -11.97 -28.44 -6.59
N ASP A 66 -12.83 -29.37 -6.99
CA ASP A 66 -13.72 -30.05 -6.05
C ASP A 66 -12.91 -30.82 -5.01
N ASP A 67 -11.89 -31.52 -5.47
CA ASP A 67 -11.04 -32.31 -4.57
C ASP A 67 -10.32 -31.42 -3.56
N ILE A 68 -9.85 -30.27 -4.03
CA ILE A 68 -9.14 -29.33 -3.15
C ILE A 68 -10.07 -28.75 -2.10
N THR A 69 -11.19 -28.21 -2.53
CA THR A 69 -12.15 -27.62 -1.60
C THR A 69 -12.69 -28.68 -0.64
N GLY A 70 -12.88 -29.89 -1.16
CA GLY A 70 -13.35 -31.00 -0.35
C GLY A 70 -12.37 -31.33 0.76
N TYR A 71 -11.09 -31.38 0.41
CA TYR A 71 -10.05 -31.67 1.41
C TYR A 71 -9.89 -30.52 2.39
N GLN A 72 -9.88 -29.29 1.86
CA GLN A 72 -9.77 -28.11 2.71
C GLN A 72 -10.83 -28.12 3.80
N THR A 73 -12.07 -28.40 3.41
CA THR A 73 -13.19 -28.44 4.34
C THR A 73 -13.00 -29.55 5.37
N ASN A 74 -12.61 -30.73 4.89
CA ASN A 74 -12.40 -31.87 5.76
C ASN A 74 -11.28 -31.65 6.76
N LEU A 75 -10.12 -31.24 6.24
CA LEU A 75 -8.96 -30.97 7.08
C LEU A 75 -9.26 -29.87 8.09
N GLY A 76 -9.86 -28.79 7.61
CA GLY A 76 -10.21 -27.66 8.48
C GLY A 76 -11.11 -28.08 9.62
N GLN A 77 -12.04 -28.96 9.33
CA GLN A 77 -12.97 -29.46 10.35
C GLN A 77 -12.24 -30.25 11.42
N ARG A 78 -11.38 -31.16 10.99
CA ARG A 78 -10.61 -31.99 11.91
C ARG A 78 -9.68 -31.14 12.77
N LEU A 79 -9.03 -30.16 12.16
CA LEU A 79 -8.12 -29.27 12.88
C LEU A 79 -8.88 -28.48 13.96
N ASN A 80 -10.03 -27.93 13.58
CA ASN A 80 -10.86 -27.20 14.53
C ASN A 80 -11.33 -28.10 15.66
N THR A 81 -11.81 -29.29 15.31
CA THR A 81 -12.33 -30.22 16.30
C THR A 81 -11.23 -30.71 17.24
N ALA A 82 -10.01 -30.80 16.73
CA ALA A 82 -8.87 -31.25 17.53
C ALA A 82 -8.25 -30.09 18.30
N GLY A 83 -8.64 -28.87 17.96
CA GLY A 83 -8.13 -27.68 18.63
C GLY A 83 -6.65 -27.44 18.39
N VAL A 84 -6.18 -27.83 17.21
CA VAL A 84 -4.77 -27.65 16.86
C VAL A 84 -4.42 -26.17 16.74
N LEU A 85 -3.20 -25.82 17.16
CA LEU A 85 -2.74 -24.43 17.11
C LEU A 85 -1.69 -24.23 16.02
N ALA A 86 -1.99 -23.37 15.06
CA ALA A 86 -1.03 -22.99 14.03
C ALA A 86 -0.53 -24.17 13.21
N PRO A 87 -1.44 -24.92 12.58
CA PRO A 87 -1.05 -26.01 11.69
C PRO A 87 -0.45 -25.46 10.41
N HIS A 88 0.31 -26.28 9.69
CA HIS A 88 0.88 -25.89 8.42
C HIS A 88 0.29 -26.71 7.28
N VAL A 89 -0.09 -26.04 6.20
CA VAL A 89 -0.61 -26.71 5.01
C VAL A 89 0.21 -26.32 3.79
N VAL A 90 0.73 -27.32 3.09
CA VAL A 90 1.58 -27.06 1.93
C VAL A 90 0.88 -27.43 0.63
N LEU A 91 0.87 -26.49 -0.31
CA LEU A 91 0.31 -26.73 -1.63
C LEU A 91 1.44 -26.99 -2.62
N ALA A 92 1.46 -28.19 -3.18
CA ALA A 92 2.51 -28.59 -4.11
C ALA A 92 1.93 -29.31 -5.32
N SER A 93 2.80 -29.80 -6.19
CA SER A 93 2.37 -30.46 -7.42
C SER A 93 3.24 -31.67 -7.74
N ASP A 94 2.60 -32.74 -8.22
CA ASP A 94 3.32 -33.95 -8.62
C ASP A 94 3.68 -33.92 -10.10
N SER A 95 3.29 -32.84 -10.77
CA SER A 95 3.58 -32.68 -12.20
C SER A 95 4.87 -31.89 -12.40
N ASP A 96 5.31 -31.80 -13.65
CA ASP A 96 6.52 -31.03 -13.97
C ASP A 96 6.22 -29.53 -14.03
N VAL A 97 4.96 -29.19 -13.81
CA VAL A 97 4.55 -27.81 -13.63
C VAL A 97 3.72 -27.72 -12.35
N PHE A 98 3.61 -26.51 -11.80
CA PHE A 98 2.82 -26.30 -10.60
C PHE A 98 1.34 -26.40 -10.94
N ASN A 99 0.89 -25.48 -11.80
CA ASN A 99 -0.49 -25.49 -12.28
C ASN A 99 -0.65 -24.48 -13.41
N LEU A 100 -1.30 -24.91 -14.49
CA LEU A 100 -1.41 -24.09 -15.69
C LEU A 100 -2.61 -23.14 -15.66
N GLY A 101 -3.35 -23.16 -14.56
CA GLY A 101 -4.44 -22.21 -14.36
C GLY A 101 -5.83 -22.76 -14.66
N GLY A 102 -6.71 -21.87 -15.09
CA GLY A 102 -8.10 -22.24 -15.36
C GLY A 102 -8.25 -23.30 -16.43
N ASP A 103 -9.38 -24.00 -16.40
CA ASP A 103 -9.67 -25.04 -17.38
C ASP A 103 -10.17 -24.40 -18.67
N LEU A 104 -9.23 -24.04 -19.54
CA LEU A 104 -9.55 -23.34 -20.79
C LEU A 104 -10.48 -24.14 -21.68
N ALA A 105 -10.30 -25.46 -21.72
CA ALA A 105 -11.18 -26.32 -22.50
C ALA A 105 -12.62 -26.14 -22.05
N LEU A 106 -12.81 -26.10 -20.73
CA LEU A 106 -14.14 -25.89 -20.16
C LEU A 106 -14.66 -24.50 -20.51
N PHE A 107 -13.81 -23.49 -20.36
CA PHE A 107 -14.20 -22.12 -20.68
C PHE A 107 -14.75 -22.03 -22.10
N CYS A 108 -14.02 -22.58 -23.06
CA CYS A 108 -14.42 -22.54 -24.46
C CYS A 108 -15.78 -23.20 -24.67
N GLN A 109 -16.00 -24.34 -24.01
CA GLN A 109 -17.26 -25.05 -24.12
C GLN A 109 -18.41 -24.22 -23.59
N LEU A 110 -18.27 -23.74 -22.36
CA LEU A 110 -19.34 -22.99 -21.70
C LEU A 110 -19.63 -21.66 -22.38
N ILE A 111 -18.58 -21.00 -22.84
CA ILE A 111 -18.73 -19.72 -23.53
C ILE A 111 -19.46 -19.90 -24.86
N ARG A 112 -19.05 -20.92 -25.62
CA ARG A 112 -19.69 -21.21 -26.90
C ARG A 112 -21.13 -21.70 -26.72
N GLU A 113 -21.39 -22.38 -25.61
CA GLU A 113 -22.73 -22.86 -25.30
C GLU A 113 -23.58 -21.77 -24.65
N GLY A 114 -22.91 -20.71 -24.19
CA GLY A 114 -23.60 -19.58 -23.56
C GLY A 114 -24.11 -19.92 -22.17
N ASP A 115 -23.41 -20.82 -21.48
CA ASP A 115 -23.81 -21.26 -20.16
C ASP A 115 -23.13 -20.45 -19.07
N ARG A 116 -23.61 -19.23 -18.85
CA ARG A 116 -23.04 -18.34 -17.84
C ARG A 116 -23.12 -18.96 -16.44
N ALA A 117 -24.26 -19.57 -16.15
CA ALA A 117 -24.50 -20.16 -14.83
C ALA A 117 -23.41 -21.15 -14.44
N ARG A 118 -23.09 -22.07 -15.35
CA ARG A 118 -22.09 -23.10 -15.07
C ARG A 118 -20.70 -22.51 -14.97
N LEU A 119 -20.42 -21.49 -15.79
CA LEU A 119 -19.11 -20.83 -15.77
C LEU A 119 -18.93 -20.07 -14.47
N LEU A 120 -19.98 -19.39 -14.04
CA LEU A 120 -19.94 -18.64 -12.78
C LEU A 120 -19.70 -19.59 -11.60
N ASP A 121 -20.40 -20.71 -11.60
CA ASP A 121 -20.26 -21.70 -10.54
C ASP A 121 -18.81 -22.19 -10.44
N TYR A 122 -18.21 -22.48 -11.59
CA TYR A 122 -16.81 -22.89 -11.63
C TYR A 122 -15.92 -21.82 -11.01
N ALA A 123 -16.11 -20.58 -11.44
CA ALA A 123 -15.33 -19.47 -10.95
C ALA A 123 -15.46 -19.31 -9.44
N GLN A 124 -16.68 -19.40 -8.94
CA GLN A 124 -16.94 -19.26 -7.51
C GLN A 124 -16.27 -20.36 -6.71
N ARG A 125 -16.27 -21.58 -7.25
CA ARG A 125 -15.64 -22.70 -6.59
C ARG A 125 -14.12 -22.52 -6.52
N CYS A 126 -13.54 -22.01 -7.60
CA CYS A 126 -12.11 -21.73 -7.62
C CYS A 126 -11.77 -20.67 -6.57
N VAL A 127 -12.60 -19.64 -6.49
CA VAL A 127 -12.38 -18.55 -5.54
C VAL A 127 -12.46 -19.06 -4.09
N ARG A 128 -13.43 -19.91 -3.81
CA ARG A 128 -13.54 -20.50 -2.48
C ARG A 128 -12.26 -21.25 -2.14
N GLY A 129 -11.68 -21.91 -3.14
CA GLY A 129 -10.45 -22.67 -2.96
C GLY A 129 -9.26 -21.80 -2.57
N VAL A 130 -9.01 -20.76 -3.35
CA VAL A 130 -7.87 -19.89 -3.08
C VAL A 130 -8.07 -19.08 -1.80
N HIS A 131 -9.30 -18.62 -1.57
CA HIS A 131 -9.59 -17.85 -0.37
C HIS A 131 -9.35 -18.68 0.89
N ALA A 132 -9.64 -19.98 0.79
CA ALA A 132 -9.43 -20.90 1.91
C ALA A 132 -7.96 -20.92 2.31
N PHE A 133 -7.07 -20.96 1.33
CA PHE A 133 -5.64 -20.91 1.62
C PHE A 133 -5.29 -19.56 2.24
N HIS A 134 -5.91 -18.50 1.71
CA HIS A 134 -5.63 -17.15 2.16
C HIS A 134 -5.98 -16.95 3.64
N VAL A 135 -7.03 -17.62 4.10
CA VAL A 135 -7.48 -17.47 5.48
C VAL A 135 -7.16 -18.68 6.34
N GLY A 136 -6.31 -19.58 5.83
CA GLY A 136 -5.84 -20.73 6.62
C GLY A 136 -6.88 -21.79 6.88
N LEU A 137 -7.76 -22.02 5.91
CA LEU A 137 -8.74 -23.10 6.00
C LEU A 137 -9.70 -22.96 7.17
N GLY A 138 -9.79 -21.76 7.74
CA GLY A 138 -10.65 -21.53 8.88
C GLY A 138 -10.07 -22.14 10.15
N ALA A 139 -8.79 -22.50 10.10
CA ALA A 139 -8.11 -23.09 11.23
C ALA A 139 -6.85 -22.31 11.56
N ARG A 140 -6.79 -21.06 11.09
CA ARG A 140 -5.60 -20.22 11.25
C ARG A 140 -4.34 -20.97 10.85
N ALA A 141 -4.43 -21.78 9.79
CA ALA A 141 -3.29 -22.55 9.30
C ALA A 141 -2.30 -21.67 8.55
N HIS A 142 -1.05 -22.10 8.52
CA HIS A 142 -0.01 -21.44 7.72
C HIS A 142 0.06 -22.09 6.36
N SER A 143 -0.41 -21.39 5.33
CA SER A 143 -0.43 -21.93 3.98
C SER A 143 0.87 -21.64 3.26
N ILE A 144 1.50 -22.68 2.73
CA ILE A 144 2.77 -22.56 2.03
C ILE A 144 2.68 -23.11 0.62
N ALA A 145 2.98 -22.28 -0.36
CA ALA A 145 2.98 -22.70 -1.75
C ALA A 145 4.37 -23.15 -2.18
N LEU A 146 4.49 -24.41 -2.55
CA LEU A 146 5.75 -24.97 -3.03
C LEU A 146 5.73 -25.04 -4.55
N VAL A 147 6.32 -24.05 -5.20
CA VAL A 147 6.30 -23.96 -6.65
C VAL A 147 7.61 -24.46 -7.26
N GLN A 148 7.58 -25.69 -7.77
CA GLN A 148 8.77 -26.31 -8.33
C GLN A 148 8.68 -26.43 -9.84
N GLY A 149 7.62 -25.85 -10.40
CA GLY A 149 7.41 -25.83 -11.84
C GLY A 149 6.74 -24.53 -12.23
N ASN A 150 6.26 -24.46 -13.47
CA ASN A 150 5.62 -23.25 -13.95
C ASN A 150 4.24 -23.04 -13.36
N ALA A 151 3.95 -21.79 -12.98
CA ALA A 151 2.64 -21.43 -12.46
C ALA A 151 2.03 -20.32 -13.31
N LEU A 152 1.03 -20.68 -14.12
CA LEU A 152 0.39 -19.73 -15.02
C LEU A 152 -1.06 -19.46 -14.66
N GLY A 153 -1.51 -18.24 -14.90
CA GLY A 153 -2.89 -17.86 -14.62
C GLY A 153 -3.32 -18.26 -13.23
N GLY A 154 -4.40 -19.04 -13.16
CA GLY A 154 -4.94 -19.52 -11.89
C GLY A 154 -3.87 -20.14 -11.01
N GLY A 155 -2.89 -20.78 -11.65
CA GLY A 155 -1.79 -21.42 -10.93
C GLY A 155 -0.97 -20.42 -10.14
N PHE A 156 -0.66 -19.29 -10.77
CA PHE A 156 0.08 -18.22 -10.10
C PHE A 156 -0.79 -17.60 -9.01
N GLU A 157 -2.06 -17.42 -9.32
CA GLU A 157 -3.03 -16.91 -8.34
C GLU A 157 -3.10 -17.80 -7.10
N ALA A 158 -3.11 -19.11 -7.31
CA ALA A 158 -3.15 -20.06 -6.20
C ALA A 158 -1.95 -19.88 -5.28
N ALA A 159 -0.77 -19.69 -5.87
CA ALA A 159 0.43 -19.46 -5.10
C ALA A 159 0.32 -18.17 -4.30
N LEU A 160 -0.16 -17.12 -4.95
CA LEU A 160 -0.30 -15.80 -4.33
C LEU A 160 -1.30 -15.83 -3.18
N SER A 161 -2.19 -16.82 -3.18
CA SER A 161 -3.22 -16.92 -2.14
C SER A 161 -2.64 -17.45 -0.84
N CYS A 162 -1.49 -18.10 -0.92
CA CYS A 162 -0.84 -18.67 0.26
C CYS A 162 -0.09 -17.60 1.06
N HIS A 163 0.37 -17.97 2.26
CA HIS A 163 1.06 -17.02 3.12
C HIS A 163 2.53 -16.93 2.79
N THR A 164 3.10 -18.05 2.36
CA THR A 164 4.51 -18.11 2.00
C THR A 164 4.67 -18.80 0.65
N ILE A 165 5.47 -18.21 -0.22
CA ILE A 165 5.74 -18.81 -1.52
C ILE A 165 7.19 -19.23 -1.65
N ILE A 166 7.41 -20.52 -1.86
CA ILE A 166 8.74 -21.06 -2.07
C ILE A 166 8.85 -21.57 -3.50
N ALA A 167 9.79 -21.00 -4.25
CA ALA A 167 9.98 -21.38 -5.64
C ALA A 167 11.41 -21.85 -5.90
N GLU A 168 11.55 -22.81 -6.80
CA GLU A 168 12.86 -23.27 -7.22
C GLU A 168 13.25 -22.57 -8.50
N GLU A 169 14.54 -22.60 -8.85
CA GLU A 169 14.96 -22.18 -10.17
C GLU A 169 14.63 -23.27 -11.20
N GLY A 170 14.04 -22.92 -12.34
CA GLY A 170 13.97 -21.55 -12.86
C GLY A 170 12.94 -20.49 -12.38
N VAL A 171 11.81 -20.83 -11.77
CA VAL A 171 10.71 -21.46 -12.43
C VAL A 171 10.08 -20.25 -13.15
N MET A 172 9.00 -20.46 -13.89
CA MET A 172 8.34 -19.34 -14.56
C MET A 172 6.92 -19.10 -14.04
N MET A 173 6.62 -17.87 -13.65
CA MET A 173 5.28 -17.52 -13.16
C MET A 173 4.72 -16.28 -13.85
N GLY A 174 3.41 -16.27 -14.09
CA GLY A 174 2.76 -15.11 -14.72
C GLY A 174 1.30 -15.33 -15.10
N LEU A 175 0.71 -14.33 -15.73
CA LEU A 175 -0.68 -14.38 -16.16
C LEU A 175 -0.80 -14.06 -17.64
N PRO A 176 -0.18 -14.88 -18.49
CA PRO A 176 -0.13 -14.64 -19.93
C PRO A 176 -1.48 -14.75 -20.62
N GLU A 177 -2.49 -15.25 -19.90
CA GLU A 177 -3.81 -15.44 -20.49
C GLU A 177 -4.42 -14.12 -20.95
N VAL A 178 -3.97 -13.02 -20.37
CA VAL A 178 -4.48 -11.70 -20.75
C VAL A 178 -4.18 -11.43 -22.23
N LEU A 179 -3.19 -12.13 -22.77
CA LEU A 179 -2.76 -11.91 -24.15
C LEU A 179 -3.79 -12.37 -25.18
N PHE A 180 -4.66 -13.30 -24.79
CA PHE A 180 -5.83 -13.60 -25.62
C PHE A 180 -7.09 -12.98 -25.02
N ASP A 181 -6.87 -11.97 -24.19
CA ASP A 181 -7.94 -11.11 -23.67
C ASP A 181 -8.79 -11.75 -22.58
N LEU A 182 -8.20 -12.70 -21.86
CA LEU A 182 -8.88 -13.31 -20.73
C LEU A 182 -8.40 -12.70 -19.42
N PHE A 183 -9.31 -12.02 -18.72
CA PHE A 183 -8.99 -11.42 -17.44
C PHE A 183 -8.77 -12.50 -16.39
N PRO A 184 -7.68 -12.36 -15.61
CA PRO A 184 -7.38 -13.34 -14.55
C PRO A 184 -8.56 -13.50 -13.61
N GLY A 185 -8.91 -14.74 -13.30
CA GLY A 185 -10.12 -15.01 -12.54
C GLY A 185 -9.97 -15.76 -11.23
N MET A 186 -8.85 -15.60 -10.54
CA MET A 186 -8.72 -16.25 -9.24
C MET A 186 -8.03 -15.39 -8.18
N GLY A 187 -8.36 -14.10 -8.18
CA GLY A 187 -7.95 -13.20 -7.11
C GLY A 187 -6.57 -12.58 -7.25
N ALA A 188 -6.06 -12.58 -8.48
CA ALA A 188 -4.71 -12.06 -8.74
C ALA A 188 -4.50 -10.66 -8.16
N TYR A 189 -5.43 -9.75 -8.45
CA TYR A 189 -5.31 -8.37 -8.01
C TYR A 189 -5.34 -8.26 -6.49
N SER A 190 -6.34 -8.88 -5.87
CA SER A 190 -6.50 -8.85 -4.43
C SER A 190 -5.26 -9.36 -3.70
N PHE A 191 -4.73 -10.49 -4.14
CA PHE A 191 -3.58 -11.10 -3.50
C PHE A 191 -2.29 -10.33 -3.74
N MET A 192 -2.14 -9.79 -4.95
CA MET A 192 -0.95 -9.01 -5.28
C MET A 192 -0.85 -7.73 -4.46
N CYS A 193 -1.99 -7.08 -4.25
CA CYS A 193 -2.02 -5.83 -3.49
C CYS A 193 -1.55 -6.00 -2.05
N GLN A 194 -1.56 -7.25 -1.58
CA GLN A 194 -1.06 -7.56 -0.24
C GLN A 194 0.46 -7.40 -0.21
N ARG A 195 1.09 -7.51 -1.38
CA ARG A 195 2.54 -7.52 -1.47
C ARG A 195 3.11 -6.29 -2.16
N ILE A 196 2.37 -5.76 -3.13
CA ILE A 196 2.84 -4.61 -3.91
C ILE A 196 1.76 -3.55 -4.07
N SER A 197 2.11 -2.46 -4.74
CA SER A 197 1.18 -1.36 -4.94
C SER A 197 0.05 -1.75 -5.88
N ALA A 198 -1.09 -1.07 -5.73
CA ALA A 198 -2.23 -1.31 -6.60
C ALA A 198 -1.86 -1.03 -8.06
N HIS A 199 -1.06 0.01 -8.28
CA HIS A 199 -0.67 0.40 -9.62
C HIS A 199 0.21 -0.66 -10.28
N LEU A 200 1.24 -1.12 -9.56
CA LEU A 200 2.14 -2.13 -10.10
C LEU A 200 1.39 -3.44 -10.36
N ALA A 201 0.51 -3.81 -9.45
CA ALA A 201 -0.30 -5.01 -9.61
C ALA A 201 -1.10 -4.93 -10.91
N GLN A 202 -1.65 -3.75 -11.18
CA GLN A 202 -2.43 -3.53 -12.39
C GLN A 202 -1.54 -3.67 -13.64
N LYS A 203 -0.35 -3.10 -13.57
CA LYS A 203 0.61 -3.19 -14.68
C LYS A 203 0.95 -4.64 -14.99
N ILE A 204 1.32 -5.38 -13.95
CA ILE A 204 1.70 -6.78 -14.11
C ILE A 204 0.58 -7.61 -14.72
N MET A 205 -0.64 -7.40 -14.24
CA MET A 205 -1.78 -8.17 -14.72
C MET A 205 -2.07 -7.95 -16.20
N LEU A 206 -1.90 -6.71 -16.66
CA LEU A 206 -2.22 -6.36 -18.06
C LEU A 206 -1.09 -6.67 -19.04
N GLU A 207 0.15 -6.73 -18.55
CA GLU A 207 1.30 -6.86 -19.43
C GLU A 207 1.38 -8.26 -20.06
N GLY A 208 0.99 -9.28 -19.31
CA GLY A 208 0.99 -10.65 -19.82
C GLY A 208 2.35 -11.32 -19.86
N ASN A 209 3.30 -10.78 -19.09
CA ASN A 209 4.66 -11.31 -19.08
C ASN A 209 4.83 -12.49 -18.13
N LEU A 210 5.83 -13.32 -18.42
CA LEU A 210 6.24 -14.38 -17.52
C LEU A 210 7.51 -13.96 -16.81
N TYR A 211 7.54 -14.13 -15.49
CA TYR A 211 8.69 -13.74 -14.68
C TYR A 211 9.38 -14.96 -14.09
N SER A 212 10.71 -14.88 -14.00
CA SER A 212 11.47 -15.94 -13.36
C SER A 212 11.30 -15.84 -11.85
N ALA A 213 11.61 -16.92 -11.14
CA ALA A 213 11.49 -16.95 -9.69
C ALA A 213 12.35 -15.84 -9.06
N GLU A 214 13.56 -15.65 -9.59
CA GLU A 214 14.44 -14.59 -9.08
C GLU A 214 13.86 -13.19 -9.29
N GLN A 215 13.27 -12.96 -10.46
CA GLN A 215 12.64 -11.68 -10.73
C GLN A 215 11.49 -11.43 -9.76
N LEU A 216 10.70 -12.46 -9.51
CA LEU A 216 9.57 -12.37 -8.59
C LEU A 216 10.02 -12.11 -7.16
N LEU A 217 11.18 -12.65 -6.80
CA LEU A 217 11.74 -12.44 -5.47
C LEU A 217 12.08 -10.96 -5.27
N GLY A 218 12.74 -10.38 -6.26
CA GLY A 218 13.11 -8.96 -6.20
C GLY A 218 11.89 -8.07 -6.25
N MET A 219 10.81 -8.58 -6.83
CA MET A 219 9.56 -7.84 -6.93
C MET A 219 8.72 -7.99 -5.66
N GLY A 220 9.11 -8.96 -4.83
CA GLY A 220 8.41 -9.21 -3.57
C GLY A 220 7.16 -10.06 -3.74
N LEU A 221 7.07 -10.77 -4.87
CA LEU A 221 5.92 -11.61 -5.15
C LEU A 221 6.16 -13.06 -4.74
N VAL A 222 7.42 -13.40 -4.52
CA VAL A 222 7.77 -14.70 -3.95
C VAL A 222 8.72 -14.46 -2.77
N ASP A 223 8.75 -15.40 -1.84
CA ASP A 223 9.45 -15.18 -0.57
C ASP A 223 10.86 -15.78 -0.54
N ARG A 224 11.02 -16.96 -1.11
CA ARG A 224 12.33 -17.61 -1.14
C ARG A 224 12.56 -18.36 -2.44
N VAL A 225 13.77 -18.24 -2.98
CA VAL A 225 14.13 -18.94 -4.21
C VAL A 225 15.30 -19.88 -3.96
N VAL A 226 15.12 -21.15 -4.31
CA VAL A 226 16.16 -22.15 -4.08
C VAL A 226 16.49 -22.94 -5.35
N PRO A 227 17.63 -23.64 -5.33
CA PRO A 227 18.03 -24.47 -6.47
C PRO A 227 17.04 -25.60 -6.70
N ARG A 228 17.06 -26.16 -7.90
CA ARG A 228 16.18 -27.26 -8.24
C ARG A 228 16.33 -28.44 -7.28
N GLY A 229 15.19 -28.96 -6.83
CA GLY A 229 15.19 -30.13 -5.95
C GLY A 229 15.36 -29.81 -4.48
N GLN A 230 15.48 -28.52 -4.17
CA GLN A 230 15.68 -28.09 -2.79
C GLN A 230 14.41 -27.46 -2.20
N GLY A 231 13.34 -27.48 -2.98
CA GLY A 231 12.07 -26.88 -2.54
C GLY A 231 11.56 -27.42 -1.23
N VAL A 232 11.43 -28.74 -1.13
CA VAL A 232 10.92 -29.37 0.07
C VAL A 232 11.76 -29.01 1.29
N ALA A 233 13.08 -29.00 1.10
CA ALA A 233 13.99 -28.63 2.17
C ALA A 233 13.71 -27.21 2.66
N ALA A 234 13.43 -26.31 1.71
CA ALA A 234 13.11 -24.93 2.03
C ALA A 234 11.81 -24.85 2.84
N VAL A 235 10.83 -25.65 2.45
CA VAL A 235 9.56 -25.69 3.15
C VAL A 235 9.75 -26.13 4.60
N GLU A 236 10.57 -27.17 4.78
CA GLU A 236 10.85 -27.67 6.12
C GLU A 236 11.50 -26.59 6.99
N GLN A 237 12.36 -25.78 6.37
CA GLN A 237 13.00 -24.68 7.10
C GLN A 237 11.98 -23.67 7.59
N VAL A 238 11.06 -23.29 6.70
CA VAL A 238 9.99 -22.36 7.06
C VAL A 238 9.15 -22.91 8.20
N ILE A 239 8.78 -24.18 8.11
CA ILE A 239 7.98 -24.82 9.14
C ILE A 239 8.70 -24.81 10.48
N ARG A 240 9.93 -25.29 10.50
CA ARG A 240 10.72 -25.35 11.73
C ARG A 240 10.85 -23.98 12.39
N GLU A 241 11.16 -22.97 11.59
CA GLU A 241 11.28 -21.60 12.10
C GLU A 241 9.93 -21.10 12.60
N SER A 242 8.87 -21.40 11.84
CA SER A 242 7.53 -20.92 12.16
C SER A 242 6.92 -21.59 13.39
N LYS A 243 7.20 -22.88 13.56
CA LYS A 243 6.60 -23.65 14.65
C LYS A 243 7.06 -23.17 16.03
N ARG A 244 8.04 -22.26 16.05
CA ARG A 244 8.57 -21.75 17.31
C ARG A 244 7.76 -20.56 17.82
N THR A 245 6.74 -20.17 17.07
CA THR A 245 5.91 -19.02 17.44
C THR A 245 4.44 -19.24 17.07
N PRO A 246 3.85 -20.33 17.59
CA PRO A 246 2.48 -20.72 17.26
C PRO A 246 1.42 -19.71 17.67
N HIS A 247 1.48 -19.25 18.93
CA HIS A 247 0.51 -18.27 19.40
C HIS A 247 0.67 -16.93 18.69
N ALA A 248 1.92 -16.55 18.42
CA ALA A 248 2.19 -15.32 17.72
C ALA A 248 1.60 -15.36 16.31
N TRP A 249 1.70 -16.52 15.66
CA TRP A 249 1.12 -16.69 14.34
C TRP A 249 -0.40 -16.56 14.38
N ALA A 250 -1.02 -17.29 15.31
CA ALA A 250 -2.47 -17.26 15.45
C ALA A 250 -2.96 -15.84 15.70
N ALA A 251 -2.25 -15.12 16.57
CA ALA A 251 -2.60 -13.73 16.88
C ALA A 251 -2.52 -12.85 15.63
N MET A 252 -1.44 -13.03 14.87
CA MET A 252 -1.25 -12.28 13.63
C MET A 252 -2.41 -12.53 12.67
N GLN A 253 -2.86 -13.79 12.62
CA GLN A 253 -3.96 -14.15 11.75
C GLN A 253 -5.26 -13.49 12.18
N GLN A 254 -5.47 -13.39 13.49
CA GLN A 254 -6.65 -12.70 14.02
C GLN A 254 -6.63 -11.24 13.60
N VAL A 255 -5.45 -10.63 13.64
CA VAL A 255 -5.31 -9.22 13.26
C VAL A 255 -5.57 -9.01 11.78
N ARG A 256 -5.07 -9.93 10.95
CA ARG A 256 -5.31 -9.88 9.51
C ARG A 256 -6.80 -9.98 9.20
N GLU A 257 -7.50 -10.79 9.98
CA GLU A 257 -8.93 -11.00 9.79
C GLU A 257 -9.74 -9.73 9.97
N MET A 258 -9.31 -8.85 10.87
CA MET A 258 -10.03 -7.62 11.13
C MET A 258 -9.39 -6.40 10.46
N THR A 259 -8.36 -6.64 9.65
CA THR A 259 -7.62 -5.54 9.04
C THR A 259 -7.42 -5.69 7.53
N THR A 260 -6.38 -6.42 7.15
CA THR A 260 -5.93 -6.45 5.76
C THR A 260 -6.41 -7.65 4.95
N ALA A 261 -7.01 -8.63 5.62
CA ALA A 261 -7.47 -9.84 4.96
C ALA A 261 -8.40 -9.54 3.79
N VAL A 262 -8.24 -10.29 2.69
CA VAL A 262 -9.12 -10.16 1.54
C VAL A 262 -10.48 -10.78 1.84
N PRO A 263 -11.54 -9.97 1.80
CA PRO A 263 -12.89 -10.44 2.07
C PRO A 263 -13.42 -11.34 0.97
N LEU A 264 -13.97 -12.49 1.35
CA LEU A 264 -14.53 -13.43 0.38
C LEU A 264 -15.64 -12.77 -0.44
N GLU A 265 -16.44 -11.95 0.23
CA GLU A 265 -17.54 -11.24 -0.43
C GLU A 265 -17.01 -10.36 -1.57
N GLU A 266 -15.85 -9.77 -1.35
CA GLU A 266 -15.22 -8.93 -2.36
C GLU A 266 -14.81 -9.76 -3.58
N MET A 267 -14.19 -10.91 -3.34
CA MET A 267 -13.75 -11.78 -4.41
C MET A 267 -14.94 -12.28 -5.25
N MET A 268 -16.07 -12.51 -4.59
CA MET A 268 -17.25 -13.00 -5.30
C MET A 268 -17.79 -11.95 -6.25
N ARG A 269 -17.80 -10.69 -5.81
CA ARG A 269 -18.23 -9.59 -6.65
C ARG A 269 -17.31 -9.42 -7.85
N ILE A 270 -16.06 -9.84 -7.69
CA ILE A 270 -15.10 -9.76 -8.79
C ILE A 270 -15.29 -10.90 -9.77
N THR A 271 -15.78 -12.03 -9.28
CA THR A 271 -16.07 -13.17 -10.15
C THR A 271 -17.19 -12.84 -11.12
N GLU A 272 -18.13 -12.01 -10.68
CA GLU A 272 -19.21 -11.55 -11.55
C GLU A 272 -18.62 -10.77 -12.71
N ILE A 273 -17.65 -9.92 -12.42
CA ILE A 273 -16.96 -9.15 -13.46
C ILE A 273 -16.20 -10.08 -14.40
N TRP A 274 -15.53 -11.07 -13.82
CA TRP A 274 -14.74 -12.01 -14.60
C TRP A 274 -15.61 -12.81 -15.57
N VAL A 275 -16.71 -13.37 -15.07
CA VAL A 275 -17.59 -14.18 -15.89
C VAL A 275 -18.19 -13.37 -17.03
N ASP A 276 -18.62 -12.15 -16.73
CA ASP A 276 -19.22 -11.28 -17.74
C ASP A 276 -18.23 -10.99 -18.87
N THR A 277 -16.96 -10.83 -18.51
CA THR A 277 -15.92 -10.57 -19.49
C THR A 277 -15.57 -11.83 -20.27
N ALA A 278 -15.51 -12.96 -19.58
CA ALA A 278 -15.20 -14.22 -20.21
C ALA A 278 -16.25 -14.59 -21.26
N MET A 279 -17.52 -14.34 -20.93
CA MET A 279 -18.62 -14.69 -21.82
C MET A 279 -18.60 -13.88 -23.11
N GLN A 280 -17.85 -12.79 -23.12
CA GLN A 280 -17.79 -11.91 -24.28
C GLN A 280 -16.61 -12.21 -25.20
N LEU A 281 -15.81 -13.20 -24.82
CA LEU A 281 -14.67 -13.60 -25.65
C LEU A 281 -15.12 -14.04 -27.03
N GLY A 282 -14.48 -13.51 -28.06
CA GLY A 282 -14.80 -13.88 -29.44
C GLY A 282 -14.05 -15.13 -29.88
N GLU A 283 -14.37 -15.61 -31.08
CA GLU A 283 -13.78 -16.85 -31.58
C GLU A 283 -12.26 -16.76 -31.71
N LYS A 284 -11.74 -15.58 -32.02
CA LYS A 284 -10.29 -15.42 -32.09
C LYS A 284 -9.65 -15.87 -30.79
N SER A 285 -10.16 -15.36 -29.67
CA SER A 285 -9.64 -15.72 -28.36
C SER A 285 -9.89 -17.20 -28.06
N LEU A 286 -11.10 -17.66 -28.33
CA LEU A 286 -11.47 -19.05 -28.07
C LEU A 286 -10.60 -20.03 -28.85
N ARG A 287 -10.34 -19.69 -30.11
CA ARG A 287 -9.49 -20.54 -30.96
C ARG A 287 -8.06 -20.57 -30.44
N THR A 288 -7.57 -19.42 -30.00
CA THR A 288 -6.24 -19.33 -29.42
C THR A 288 -6.15 -20.20 -28.17
N MET A 289 -7.19 -20.14 -27.35
CA MET A 289 -7.26 -20.96 -26.15
C MET A 289 -7.30 -22.44 -26.52
N ASP A 290 -8.01 -22.76 -27.60
CA ASP A 290 -8.05 -24.13 -28.11
C ASP A 290 -6.65 -24.62 -28.44
N ARG A 291 -5.89 -23.79 -29.15
CA ARG A 291 -4.53 -24.16 -29.57
C ARG A 291 -3.60 -24.30 -28.38
N LEU A 292 -3.78 -23.46 -27.38
CA LEU A 292 -2.94 -23.51 -26.18
C LEU A 292 -3.15 -24.82 -25.44
N VAL A 293 -4.41 -25.19 -25.22
CA VAL A 293 -4.73 -26.45 -24.57
C VAL A 293 -4.06 -27.61 -25.28
N ARG A 294 -4.16 -27.63 -26.61
CA ARG A 294 -3.58 -28.68 -27.41
C ARG A 294 -2.06 -28.75 -27.25
N ALA A 295 -1.42 -27.58 -27.33
CA ALA A 295 0.02 -27.51 -27.20
C ALA A 295 0.49 -27.99 -25.83
N GLN A 296 -0.28 -27.67 -24.79
CA GLN A 296 0.06 -28.06 -23.43
C GLN A 296 -0.30 -29.52 -23.17
N SER A 297 -1.41 -29.97 -23.76
CA SER A 297 -1.87 -31.34 -23.58
C SER A 297 -1.05 -32.32 -24.41
N ILE B 24 -27.02 16.77 -26.70
CA ILE B 24 -26.61 17.86 -25.75
C ILE B 24 -25.17 18.27 -25.96
N ARG B 25 -24.64 18.01 -27.16
CA ARG B 25 -23.27 18.36 -27.49
C ARG B 25 -23.11 19.87 -27.61
N THR B 26 -21.92 20.36 -27.24
CA THR B 26 -21.63 21.79 -27.31
C THR B 26 -20.18 22.02 -27.71
N ASN B 27 -19.87 23.26 -28.12
CA ASN B 27 -18.52 23.62 -28.50
C ASN B 27 -17.50 23.30 -27.41
N ILE B 28 -16.32 22.84 -27.83
CA ILE B 28 -15.26 22.51 -26.87
C ILE B 28 -14.24 23.64 -26.77
N SER B 30 -9.25 27.90 -27.30
CA SER B 30 -8.15 27.38 -28.10
C SER B 30 -6.89 27.15 -27.26
N THR B 31 -7.09 26.59 -26.07
CA THR B 31 -5.98 26.26 -25.19
C THR B 31 -5.45 24.86 -25.50
N LEU B 32 -6.22 24.11 -26.25
CA LEU B 32 -5.86 22.73 -26.58
C LEU B 32 -5.67 22.52 -28.08
N ARG B 33 -4.76 21.60 -28.42
CA ARG B 33 -4.64 21.12 -29.79
C ARG B 33 -5.01 19.65 -29.79
N ILE B 34 -6.19 19.33 -30.30
CA ILE B 34 -6.72 17.97 -30.25
C ILE B 34 -6.47 17.20 -31.54
N ILE B 35 -5.97 15.98 -31.40
CA ILE B 35 -5.82 15.08 -32.54
C ILE B 35 -6.57 13.77 -32.26
N GLU B 36 -7.63 13.53 -33.02
CA GLU B 36 -8.45 12.34 -32.83
C GLU B 36 -8.19 11.28 -33.88
N GLU B 37 -8.08 10.03 -33.43
CA GLU B 37 -7.91 8.89 -34.33
C GLU B 37 -8.97 7.84 -34.06
N PRO B 38 -10.20 8.10 -34.48
CA PRO B 38 -11.34 7.20 -34.27
C PRO B 38 -11.12 5.87 -34.97
N GLN B 39 -10.18 5.84 -35.92
CA GLN B 39 -9.86 4.62 -36.65
C GLN B 39 -9.28 3.59 -35.70
N ARG B 40 -8.66 4.07 -34.63
CA ARG B 40 -8.05 3.18 -33.64
C ARG B 40 -8.45 3.57 -32.23
N ASP B 41 -9.38 4.52 -32.13
CA ASP B 41 -9.87 4.99 -30.84
C ASP B 41 -8.75 5.53 -29.96
N VAL B 42 -7.88 6.34 -30.56
CA VAL B 42 -6.84 7.04 -29.81
C VAL B 42 -7.06 8.54 -29.94
N TYR B 43 -6.95 9.26 -28.83
CA TYR B 43 -7.21 10.69 -28.83
C TYR B 43 -6.12 11.46 -28.08
N TRP B 44 -5.54 12.45 -28.74
CA TRP B 44 -4.44 13.22 -28.19
C TRP B 44 -4.88 14.60 -27.73
N ILE B 45 -4.55 14.96 -26.50
CA ILE B 45 -4.87 16.27 -25.96
C ILE B 45 -3.57 17.03 -25.66
N HIS B 46 -3.31 18.08 -26.44
CA HIS B 46 -2.10 18.88 -26.26
C HIS B 46 -2.41 20.20 -25.56
N MET B 47 -1.89 20.36 -24.35
CA MET B 47 -2.11 21.57 -23.57
C MET B 47 -1.29 22.75 -24.09
N HIS B 48 -1.78 23.96 -23.83
CA HIS B 48 -1.02 25.19 -24.11
C HIS B 48 -0.89 25.49 -25.60
N ALA B 49 -1.90 25.12 -26.37
CA ALA B 49 -1.91 25.42 -27.79
C ALA B 49 -2.04 26.92 -28.03
N ASP B 50 -2.55 27.62 -27.03
CA ASP B 50 -2.78 29.06 -27.13
C ASP B 50 -1.48 29.85 -26.97
N LEU B 51 -0.49 29.24 -26.31
CA LEU B 51 0.78 29.90 -26.08
C LEU B 51 1.67 29.82 -27.32
N GLY B 56 1.69 33.59 -21.83
CA GLY B 56 2.00 33.56 -20.40
C GLY B 56 2.65 32.25 -19.97
N ARG B 57 2.53 31.93 -18.70
CA ARG B 57 3.11 30.70 -18.18
C ARG B 57 2.21 29.51 -18.46
N ALA B 58 2.83 28.36 -18.75
CA ALA B 58 2.09 27.15 -19.08
C ALA B 58 1.54 26.49 -17.81
N CYS B 59 0.43 27.03 -17.31
CA CYS B 59 -0.20 26.50 -16.10
C CYS B 59 -1.66 26.15 -16.36
N PHE B 60 -2.35 25.71 -15.31
CA PHE B 60 -3.76 25.40 -15.41
C PHE B 60 -4.62 26.66 -15.21
N SER B 61 -4.69 27.48 -16.24
CA SER B 61 -5.54 28.66 -16.21
C SER B 61 -6.99 28.25 -16.25
N THR B 62 -7.89 29.14 -15.83
CA THR B 62 -9.31 28.86 -15.85
C THR B 62 -9.74 28.43 -17.26
N ARG B 63 -9.16 29.08 -18.27
CA ARG B 63 -9.45 28.75 -19.67
C ARG B 63 -9.04 27.32 -20.01
N LEU B 64 -7.82 26.95 -19.65
CA LEU B 64 -7.30 25.61 -19.94
C LEU B 64 -8.15 24.54 -19.26
N VAL B 65 -8.44 24.75 -17.97
CA VAL B 65 -9.24 23.80 -17.22
C VAL B 65 -10.62 23.60 -17.85
N ASP B 66 -11.27 24.69 -18.24
CA ASP B 66 -12.57 24.62 -18.87
C ASP B 66 -12.50 23.89 -20.21
N ASP B 67 -11.45 24.15 -20.97
CA ASP B 67 -11.25 23.49 -22.26
C ASP B 67 -11.08 21.98 -22.08
N ILE B 68 -10.29 21.59 -21.08
CA ILE B 68 -10.04 20.18 -20.81
C ILE B 68 -11.30 19.45 -20.36
N THR B 69 -11.98 19.98 -19.35
CA THR B 69 -13.18 19.36 -18.82
C THR B 69 -14.28 19.28 -19.89
N GLY B 70 -14.37 20.33 -20.70
CA GLY B 70 -15.35 20.37 -21.78
C GLY B 70 -15.11 19.26 -22.80
N TYR B 71 -13.85 19.06 -23.16
CA TYR B 71 -13.50 18.02 -24.12
C TYR B 71 -13.68 16.63 -23.53
N GLN B 72 -13.26 16.47 -22.28
CA GLN B 72 -13.41 15.19 -21.58
C GLN B 72 -14.86 14.74 -21.62
N THR B 73 -15.77 15.66 -21.32
CA THR B 73 -17.20 15.35 -21.31
C THR B 73 -17.68 14.98 -22.71
N ASN B 74 -17.29 15.78 -23.70
CA ASN B 74 -17.68 15.53 -25.08
C ASN B 74 -17.19 14.18 -25.58
N LEU B 75 -15.90 13.95 -25.46
CA LEU B 75 -15.30 12.69 -25.89
C LEU B 75 -15.88 11.51 -25.13
N GLY B 76 -15.97 11.65 -23.81
CA GLY B 76 -16.53 10.60 -22.96
C GLY B 76 -17.92 10.20 -23.41
N GLN B 77 -18.76 11.19 -23.68
CA GLN B 77 -20.12 10.94 -24.14
C GLN B 77 -20.12 10.17 -25.46
N ARG B 78 -19.30 10.63 -26.41
CA ARG B 78 -19.17 9.95 -27.70
C ARG B 78 -18.72 8.50 -27.51
N LEU B 79 -17.73 8.31 -26.64
CA LEU B 79 -17.20 6.97 -26.38
C LEU B 79 -18.27 6.07 -25.76
N ASN B 80 -19.01 6.60 -24.80
CA ASN B 80 -20.08 5.85 -24.15
C ASN B 80 -21.17 5.44 -25.14
N THR B 81 -21.58 6.39 -25.98
CA THR B 81 -22.61 6.12 -26.98
C THR B 81 -22.13 5.09 -27.99
N ALA B 82 -20.87 5.18 -28.37
CA ALA B 82 -20.28 4.26 -29.34
C ALA B 82 -20.09 2.87 -28.72
N GLY B 83 -19.94 2.83 -27.40
CA GLY B 83 -19.71 1.58 -26.70
C GLY B 83 -18.32 1.04 -26.97
N VAL B 84 -17.40 1.93 -27.31
CA VAL B 84 -16.03 1.54 -27.61
C VAL B 84 -15.36 0.90 -26.40
N LEU B 85 -14.57 -0.14 -26.65
CA LEU B 85 -13.92 -0.86 -25.56
C LEU B 85 -12.44 -0.50 -25.46
N ALA B 86 -12.06 0.08 -24.33
CA ALA B 86 -10.66 0.38 -24.04
C ALA B 86 -10.07 1.41 -24.99
N PRO B 87 -10.69 2.60 -25.05
CA PRO B 87 -10.13 3.70 -25.83
C PRO B 87 -8.90 4.27 -25.14
N HIS B 88 -8.05 4.97 -25.88
CA HIS B 88 -6.85 5.57 -25.31
C HIS B 88 -6.91 7.09 -25.40
N VAL B 89 -6.58 7.76 -24.31
CA VAL B 89 -6.51 9.22 -24.29
C VAL B 89 -5.15 9.67 -23.79
N VAL B 90 -4.47 10.50 -24.57
CA VAL B 90 -3.13 10.95 -24.22
C VAL B 90 -3.13 12.42 -23.82
N LEU B 91 -2.58 12.71 -22.65
CA LEU B 91 -2.40 14.08 -22.19
C LEU B 91 -0.97 14.53 -22.44
N ALA B 92 -0.81 15.54 -23.30
CA ALA B 92 0.52 16.03 -23.65
C ALA B 92 0.56 17.55 -23.62
N SER B 93 1.69 18.12 -24.04
CA SER B 93 1.87 19.57 -24.02
C SER B 93 2.62 20.06 -25.25
N ASP B 94 2.21 21.23 -25.75
CA ASP B 94 2.88 21.86 -26.88
C ASP B 94 3.89 22.90 -26.41
N SER B 95 4.07 22.99 -25.10
CA SER B 95 5.02 23.94 -24.51
C SER B 95 6.32 23.23 -24.15
N ASP B 96 7.34 24.00 -23.80
CA ASP B 96 8.63 23.44 -23.41
C ASP B 96 8.57 22.84 -22.01
N VAL B 97 7.42 23.01 -21.36
CA VAL B 97 7.14 22.35 -20.09
C VAL B 97 5.81 21.63 -20.20
N PHE B 98 5.58 20.64 -19.34
CA PHE B 98 4.33 19.90 -19.34
C PHE B 98 3.21 20.77 -18.79
N ASN B 99 3.34 21.15 -17.52
CA ASN B 99 2.38 22.05 -16.88
C ASN B 99 2.93 22.53 -15.54
N LEU B 100 2.85 23.83 -15.30
CA LEU B 100 3.45 24.43 -14.12
C LEU B 100 2.54 24.40 -12.90
N GLY B 101 1.33 23.87 -13.07
CA GLY B 101 0.40 23.70 -11.96
C GLY B 101 -0.68 24.76 -11.90
N GLY B 102 -1.16 25.02 -10.68
CA GLY B 102 -2.24 25.98 -10.47
C GLY B 102 -1.91 27.38 -10.95
N ASP B 103 -2.94 28.15 -11.24
CA ASP B 103 -2.78 29.53 -11.70
C ASP B 103 -2.45 30.43 -10.51
N LEU B 104 -1.15 30.56 -10.22
CA LEU B 104 -0.70 31.33 -9.07
C LEU B 104 -1.17 32.79 -9.13
N ALA B 105 -1.11 33.39 -10.31
CA ALA B 105 -1.58 34.76 -10.48
C ALA B 105 -3.02 34.89 -10.02
N LEU B 106 -3.84 33.91 -10.39
CA LEU B 106 -5.24 33.89 -9.99
C LEU B 106 -5.36 33.71 -8.47
N PHE B 107 -4.58 32.80 -7.91
CA PHE B 107 -4.60 32.55 -6.48
C PHE B 107 -4.33 33.83 -5.69
N CYS B 108 -3.26 34.53 -6.05
CA CYS B 108 -2.90 35.77 -5.37
C CYS B 108 -4.03 36.79 -5.44
N GLN B 109 -4.63 36.91 -6.62
CA GLN B 109 -5.73 37.86 -6.82
C GLN B 109 -6.91 37.53 -5.92
N LEU B 110 -7.35 36.27 -5.96
CA LEU B 110 -8.50 35.84 -5.19
C LEU B 110 -8.25 35.88 -3.68
N ILE B 111 -7.08 35.40 -3.28
CA ILE B 111 -6.71 35.36 -1.86
C ILE B 111 -6.66 36.77 -1.27
N ARG B 112 -6.06 37.70 -2.01
CA ARG B 112 -5.96 39.09 -1.55
C ARG B 112 -7.31 39.78 -1.52
N GLU B 113 -8.24 39.30 -2.35
CA GLU B 113 -9.58 39.87 -2.41
C GLU B 113 -10.52 39.14 -1.44
N GLY B 114 -10.03 38.04 -0.87
CA GLY B 114 -10.82 37.26 0.07
C GLY B 114 -11.99 36.57 -0.60
N ASP B 115 -11.83 36.21 -1.87
CA ASP B 115 -12.89 35.57 -2.62
C ASP B 115 -12.78 34.05 -2.56
N ARG B 116 -13.21 33.48 -1.44
CA ARG B 116 -13.15 32.04 -1.23
C ARG B 116 -14.02 31.30 -2.23
N ALA B 117 -15.20 31.85 -2.52
CA ALA B 117 -16.14 31.22 -3.44
C ALA B 117 -15.50 30.94 -4.80
N ARG B 118 -14.90 31.96 -5.39
CA ARG B 118 -14.29 31.81 -6.71
C ARG B 118 -13.06 30.90 -6.66
N LEU B 119 -12.31 30.96 -5.57
CA LEU B 119 -11.14 30.12 -5.39
C LEU B 119 -11.55 28.66 -5.29
N LEU B 120 -12.61 28.39 -4.54
CA LEU B 120 -13.12 27.04 -4.38
C LEU B 120 -13.65 26.49 -5.70
N ASP B 121 -14.33 27.35 -6.46
CA ASP B 121 -14.85 26.95 -7.76
C ASP B 121 -13.73 26.47 -8.67
N TYR B 122 -12.64 27.23 -8.69
CA TYR B 122 -11.47 26.86 -9.49
C TYR B 122 -10.95 25.49 -9.09
N ALA B 123 -10.76 25.29 -7.79
CA ALA B 123 -10.24 24.03 -7.27
C ALA B 123 -11.12 22.86 -7.68
N GLN B 124 -12.43 23.01 -7.52
CA GLN B 124 -13.37 21.95 -7.84
C GLN B 124 -13.35 21.61 -9.33
N ARG B 125 -13.16 22.63 -10.16
CA ARG B 125 -13.07 22.42 -11.61
C ARG B 125 -11.81 21.64 -11.96
N CYS B 126 -10.71 21.96 -11.30
CA CYS B 126 -9.46 21.22 -11.49
C CYS B 126 -9.62 19.77 -11.08
N VAL B 127 -10.30 19.55 -9.96
CA VAL B 127 -10.53 18.20 -9.45
C VAL B 127 -11.33 17.36 -10.44
N ARG B 128 -12.38 17.94 -11.00
CA ARG B 128 -13.19 17.23 -11.99
C ARG B 128 -12.35 16.82 -13.19
N GLY B 129 -11.42 17.70 -13.57
CA GLY B 129 -10.53 17.44 -14.69
C GLY B 129 -9.59 16.28 -14.44
N VAL B 130 -8.89 16.30 -13.31
CA VAL B 130 -7.92 15.26 -12.99
C VAL B 130 -8.60 13.93 -12.67
N HIS B 131 -9.72 13.97 -11.96
CA HIS B 131 -10.45 12.75 -11.63
C HIS B 131 -10.95 12.06 -12.91
N ALA B 132 -11.32 12.86 -13.91
CA ALA B 132 -11.79 12.34 -15.17
C ALA B 132 -10.73 11.46 -15.84
N PHE B 133 -9.48 11.90 -15.81
CA PHE B 133 -8.38 11.11 -16.34
C PHE B 133 -8.20 9.84 -15.52
N HIS B 134 -8.36 9.98 -14.21
CA HIS B 134 -8.19 8.86 -13.29
C HIS B 134 -9.20 7.74 -13.55
N VAL B 135 -10.40 8.12 -13.98
CA VAL B 135 -11.46 7.14 -14.25
C VAL B 135 -11.75 7.01 -15.74
N GLY B 136 -10.79 7.40 -16.57
CA GLY B 136 -10.91 7.24 -18.01
C GLY B 136 -12.12 7.91 -18.63
N LEU B 137 -12.40 9.13 -18.20
CA LEU B 137 -13.47 9.94 -18.79
C LEU B 137 -14.86 9.30 -18.64
N GLY B 138 -14.98 8.32 -17.75
CA GLY B 138 -16.24 7.63 -17.54
C GLY B 138 -16.53 6.67 -18.68
N ALA B 139 -15.52 6.41 -19.50
CA ALA B 139 -15.66 5.49 -20.62
C ALA B 139 -14.60 4.40 -20.56
N ARG B 140 -14.09 4.15 -19.35
CA ARG B 140 -13.07 3.14 -19.15
C ARG B 140 -11.88 3.34 -20.08
N ALA B 141 -11.53 4.59 -20.34
CA ALA B 141 -10.43 4.91 -21.22
C ALA B 141 -9.09 4.71 -20.53
N HIS B 142 -8.07 4.41 -21.32
CA HIS B 142 -6.70 4.31 -20.82
C HIS B 142 -6.03 5.67 -20.93
N SER B 143 -5.84 6.34 -19.79
CA SER B 143 -5.24 7.66 -19.77
C SER B 143 -3.72 7.58 -19.71
N ILE B 144 -3.06 8.23 -20.67
CA ILE B 144 -1.61 8.23 -20.72
C ILE B 144 -1.06 9.65 -20.66
N ALA B 145 -0.19 9.91 -19.69
CA ALA B 145 0.44 11.22 -19.57
C ALA B 145 1.81 11.19 -20.25
N LEU B 146 1.96 12.03 -21.27
CA LEU B 146 3.24 12.17 -21.95
C LEU B 146 3.96 13.42 -21.45
N VAL B 147 4.93 13.21 -20.58
CA VAL B 147 5.64 14.32 -19.95
C VAL B 147 7.00 14.54 -20.58
N GLN B 148 7.10 15.56 -21.42
CA GLN B 148 8.35 15.85 -22.14
C GLN B 148 8.98 17.13 -21.62
N GLY B 149 8.37 17.71 -20.60
CA GLY B 149 8.88 18.90 -19.95
C GLY B 149 8.52 18.89 -18.47
N ASN B 150 9.05 19.85 -17.73
CA ASN B 150 8.80 19.91 -16.29
C ASN B 150 7.31 19.89 -15.92
N ALA B 151 6.99 19.12 -14.89
CA ALA B 151 5.62 19.05 -14.39
C ALA B 151 5.60 19.40 -12.90
N LEU B 152 5.10 20.60 -12.59
CA LEU B 152 5.10 21.10 -11.22
C LEU B 152 3.70 21.22 -10.65
N GLY B 153 3.58 20.97 -9.35
CA GLY B 153 2.30 21.07 -8.65
C GLY B 153 1.17 20.37 -9.38
N GLY B 154 0.16 21.14 -9.76
CA GLY B 154 -0.99 20.59 -10.47
C GLY B 154 -0.58 19.79 -11.70
N GLY B 155 0.52 20.22 -12.33
CA GLY B 155 1.03 19.51 -13.51
C GLY B 155 1.46 18.10 -13.18
N PHE B 156 2.19 17.96 -12.07
CA PHE B 156 2.63 16.66 -11.59
C PHE B 156 1.43 15.82 -11.16
N GLU B 157 0.49 16.45 -10.47
CA GLU B 157 -0.74 15.78 -10.04
C GLU B 157 -1.53 15.28 -11.25
N ALA B 158 -1.62 16.12 -12.27
CA ALA B 158 -2.34 15.77 -13.49
C ALA B 158 -1.77 14.48 -14.09
N ALA B 159 -0.45 14.39 -14.13
CA ALA B 159 0.22 13.20 -14.66
C ALA B 159 -0.08 12.00 -13.76
N LEU B 160 -0.01 12.21 -12.45
CA LEU B 160 -0.26 11.15 -11.49
C LEU B 160 -1.69 10.63 -11.56
N SER B 161 -2.58 11.43 -12.14
CA SER B 161 -3.98 11.06 -12.24
C SER B 161 -4.21 10.04 -13.36
N CYS B 162 -3.28 10.00 -14.31
CA CYS B 162 -3.39 9.10 -15.45
C CYS B 162 -3.00 7.67 -15.09
N HIS B 163 -3.27 6.73 -15.99
CA HIS B 163 -2.99 5.32 -15.75
C HIS B 163 -1.54 4.98 -16.06
N THR B 164 -0.97 5.69 -17.03
CA THR B 164 0.41 5.46 -17.44
C THR B 164 1.14 6.79 -17.59
N ILE B 165 2.34 6.89 -17.05
CA ILE B 165 3.16 8.08 -17.19
C ILE B 165 4.43 7.77 -17.99
N ILE B 166 4.56 8.43 -19.14
CA ILE B 166 5.76 8.32 -19.96
C ILE B 166 6.52 9.64 -19.94
N ALA B 167 7.76 9.60 -19.48
CA ALA B 167 8.58 10.82 -19.38
C ALA B 167 9.89 10.68 -20.13
N GLU B 168 10.43 11.81 -20.56
CA GLU B 168 11.71 11.83 -21.26
C GLU B 168 12.82 12.25 -20.30
N GLU B 169 14.04 11.80 -20.61
CA GLU B 169 15.20 12.13 -19.79
C GLU B 169 15.35 13.63 -19.62
N GLY B 170 15.70 14.06 -18.40
CA GLY B 170 15.90 15.48 -18.12
C GLY B 170 14.72 16.13 -17.46
N VAL B 171 13.54 15.56 -17.67
CA VAL B 171 12.31 16.10 -17.11
C VAL B 171 12.30 16.06 -15.58
N MET B 172 11.84 17.15 -14.98
CA MET B 172 11.74 17.24 -13.52
C MET B 172 10.28 17.36 -13.10
N MET B 173 9.92 16.65 -12.04
CA MET B 173 8.56 16.75 -11.48
C MET B 173 8.63 16.93 -9.96
N GLY B 174 7.61 17.59 -9.41
CA GLY B 174 7.56 17.81 -7.97
C GLY B 174 6.47 18.77 -7.56
N LEU B 175 6.38 19.03 -6.26
CA LEU B 175 5.39 19.93 -5.71
C LEU B 175 6.06 21.00 -4.85
N PRO B 176 6.92 21.82 -5.47
CA PRO B 176 7.69 22.84 -4.76
C PRO B 176 6.83 23.94 -4.14
N GLU B 177 5.58 24.05 -4.57
CA GLU B 177 4.68 25.09 -4.07
C GLU B 177 4.52 25.01 -2.55
N VAL B 178 4.68 23.80 -2.01
CA VAL B 178 4.56 23.62 -0.56
C VAL B 178 5.55 24.50 0.18
N LEU B 179 6.64 24.86 -0.50
CA LEU B 179 7.70 25.66 0.09
C LEU B 179 7.22 27.03 0.57
N PHE B 180 6.28 27.63 -0.16
CA PHE B 180 5.66 28.86 0.31
C PHE B 180 4.35 28.60 1.04
N ASP B 181 4.23 27.40 1.60
CA ASP B 181 3.13 27.02 2.47
C ASP B 181 1.80 26.87 1.73
N LEU B 182 1.87 26.41 0.48
CA LEU B 182 0.68 26.10 -0.28
C LEU B 182 0.51 24.59 -0.41
N PHE B 183 -0.54 24.06 0.18
CA PHE B 183 -0.83 22.64 0.12
C PHE B 183 -1.21 22.22 -1.30
N PRO B 184 -0.59 21.14 -1.81
CA PRO B 184 -0.85 20.65 -3.16
C PRO B 184 -2.34 20.47 -3.44
N MET B 186 -7.25 18.98 -5.50
CA MET B 186 -6.33 18.16 -6.26
C MET B 186 -6.52 16.68 -5.91
N GLY B 187 -5.43 16.01 -5.58
CA GLY B 187 -5.46 14.59 -5.23
C GLY B 187 -4.10 13.97 -5.26
N ALA B 188 -3.06 14.81 -5.23
CA ALA B 188 -1.69 14.34 -5.26
C ALA B 188 -1.48 13.17 -4.30
N TYR B 189 -1.90 13.36 -3.05
CA TYR B 189 -1.73 12.34 -2.03
C TYR B 189 -2.48 11.06 -2.41
N SER B 190 -3.73 11.21 -2.80
CA SER B 190 -4.56 10.08 -3.21
C SER B 190 -3.91 9.29 -4.35
N PHE B 191 -3.41 10.02 -5.34
CA PHE B 191 -2.82 9.38 -6.52
C PHE B 191 -1.48 8.70 -6.21
N MET B 192 -0.67 9.32 -5.36
CA MET B 192 0.62 8.74 -5.01
C MET B 192 0.45 7.45 -4.21
N CYS B 193 -0.55 7.42 -3.33
CA CYS B 193 -0.80 6.25 -2.50
C CYS B 193 -1.15 5.02 -3.35
N GLN B 194 -1.44 5.25 -4.62
CA GLN B 194 -1.72 4.17 -5.56
C GLN B 194 -0.41 3.50 -5.98
N ARG B 195 0.68 4.24 -5.88
CA ARG B 195 1.98 3.78 -6.37
C ARG B 195 2.97 3.53 -5.24
N ILE B 196 2.89 4.32 -4.17
CA ILE B 196 3.83 4.22 -3.07
C ILE B 196 3.14 4.20 -1.71
N SER B 197 3.92 4.07 -0.65
CA SER B 197 3.36 4.02 0.69
C SER B 197 2.76 5.37 1.08
N ALA B 198 1.80 5.32 2.01
CA ALA B 198 1.18 6.55 2.50
C ALA B 198 2.23 7.45 3.16
N HIS B 199 3.17 6.82 3.86
CA HIS B 199 4.21 7.57 4.57
C HIS B 199 5.13 8.32 3.60
N LEU B 200 5.61 7.62 2.57
CA LEU B 200 6.48 8.24 1.58
C LEU B 200 5.76 9.33 0.82
N ALA B 201 4.49 9.10 0.52
CA ALA B 201 3.67 10.10 -0.17
C ALA B 201 3.65 11.40 0.63
N GLN B 202 3.44 11.29 1.94
CA GLN B 202 3.41 12.46 2.80
C GLN B 202 4.73 13.23 2.76
N LYS B 203 5.83 12.51 2.90
CA LYS B 203 7.15 13.12 2.90
C LYS B 203 7.41 13.88 1.60
N ILE B 204 7.13 13.21 0.47
CA ILE B 204 7.29 13.84 -0.83
C ILE B 204 6.40 15.08 -0.95
N MET B 205 5.19 14.96 -0.41
CA MET B 205 4.21 16.05 -0.42
C MET B 205 4.65 17.26 0.39
N LEU B 206 5.51 17.03 1.38
CA LEU B 206 5.89 18.09 2.32
C LEU B 206 7.31 18.62 2.12
N GLU B 207 8.19 17.79 1.56
CA GLU B 207 9.59 18.16 1.40
C GLU B 207 9.78 19.32 0.42
N GLY B 208 8.99 19.30 -0.66
CA GLY B 208 9.06 20.37 -1.66
C GLY B 208 10.19 20.18 -2.66
N ASN B 209 10.67 18.96 -2.79
CA ASN B 209 11.79 18.66 -3.68
C ASN B 209 11.34 18.37 -5.11
N LEU B 210 12.25 18.60 -6.05
CA LEU B 210 12.03 18.23 -7.44
C LEU B 210 12.78 16.94 -7.74
N TYR B 211 12.15 16.03 -8.47
CA TYR B 211 12.76 14.75 -8.81
C TYR B 211 12.91 14.61 -10.32
N SER B 212 14.01 13.99 -10.73
CA SER B 212 14.23 13.72 -12.14
C SER B 212 13.38 12.52 -12.58
N ALA B 213 13.19 12.39 -13.88
CA ALA B 213 12.43 11.27 -14.41
C ALA B 213 13.04 9.94 -13.96
N GLU B 214 14.36 9.86 -14.00
CA GLU B 214 15.07 8.66 -13.58
C GLU B 214 14.75 8.31 -12.12
N GLN B 215 14.88 9.31 -11.24
CA GLN B 215 14.57 9.12 -9.83
C GLN B 215 13.13 8.64 -9.65
N LEU B 216 12.21 9.28 -10.35
CA LEU B 216 10.79 8.94 -10.25
C LEU B 216 10.53 7.50 -10.70
N LEU B 217 11.26 7.06 -11.71
CA LEU B 217 11.13 5.70 -12.21
C LEU B 217 11.49 4.70 -11.13
N GLY B 218 12.65 4.89 -10.50
CA GLY B 218 13.11 4.02 -9.44
C GLY B 218 12.19 4.05 -8.23
N MET B 219 11.40 5.13 -8.13
CA MET B 219 10.48 5.29 -7.02
C MET B 219 9.10 4.70 -7.33
N GLY B 220 8.87 4.41 -8.60
CA GLY B 220 7.60 3.84 -9.04
C GLY B 220 6.53 4.89 -9.27
N LEU B 221 6.97 6.15 -9.40
CA LEU B 221 6.04 7.26 -9.63
C LEU B 221 5.85 7.53 -11.12
N VAL B 222 6.76 7.02 -11.93
CA VAL B 222 6.60 7.07 -13.39
C VAL B 222 6.81 5.67 -13.94
N ASP B 223 6.29 5.43 -15.15
CA ASP B 223 6.24 4.08 -15.70
C ASP B 223 7.37 3.77 -16.68
N ARG B 224 7.73 4.76 -17.50
CA ARG B 224 8.85 4.59 -18.41
C ARG B 224 9.57 5.91 -18.68
N VAL B 225 10.89 5.84 -18.75
CA VAL B 225 11.70 7.00 -19.08
C VAL B 225 12.45 6.72 -20.39
N VAL B 226 12.33 7.63 -21.34
CA VAL B 226 12.97 7.46 -22.63
C VAL B 226 13.77 8.70 -23.00
N PRO B 227 14.72 8.55 -23.94
CA PRO B 227 15.56 9.66 -24.40
C PRO B 227 14.72 10.80 -24.95
N ARG B 228 15.27 12.01 -24.93
CA ARG B 228 14.57 13.19 -25.45
C ARG B 228 14.09 12.95 -26.88
N GLY B 229 12.84 13.31 -27.16
CA GLY B 229 12.28 13.19 -28.50
C GLY B 229 11.73 11.82 -28.81
N GLN B 230 11.77 10.92 -27.84
CA GLN B 230 11.29 9.56 -28.05
C GLN B 230 9.99 9.29 -27.29
N GLY B 231 9.46 10.32 -26.66
CA GLY B 231 8.23 10.21 -25.88
C GLY B 231 7.06 9.68 -26.69
N VAL B 232 6.81 10.29 -27.85
CA VAL B 232 5.71 9.87 -28.70
C VAL B 232 5.86 8.41 -29.11
N ALA B 233 7.07 8.02 -29.50
CA ALA B 233 7.34 6.65 -29.89
C ALA B 233 7.02 5.70 -28.74
N ALA B 234 7.33 6.12 -27.52
CA ALA B 234 7.07 5.31 -26.33
C ALA B 234 5.57 5.17 -26.08
N VAL B 235 4.83 6.24 -26.31
CA VAL B 235 3.38 6.22 -26.15
C VAL B 235 2.76 5.25 -27.15
N GLU B 236 3.21 5.33 -28.40
CA GLU B 236 2.71 4.45 -29.45
C GLU B 236 2.93 2.99 -29.08
N GLN B 237 4.09 2.71 -28.48
CA GLN B 237 4.42 1.35 -28.07
C GLN B 237 3.45 0.83 -27.00
N VAL B 238 3.19 1.66 -25.99
CA VAL B 238 2.24 1.31 -24.95
C VAL B 238 0.86 1.02 -25.55
N ILE B 239 0.42 1.91 -26.43
CA ILE B 239 -0.89 1.78 -27.06
C ILE B 239 -0.99 0.51 -27.90
N ARG B 240 -0.03 0.33 -28.80
CA ARG B 240 -0.05 -0.80 -29.72
C ARG B 240 -0.15 -2.13 -28.98
N GLU B 241 0.60 -2.26 -27.89
CA GLU B 241 0.59 -3.48 -27.10
C GLU B 241 -0.67 -3.60 -26.26
N SER B 242 -1.13 -2.47 -25.72
CA SER B 242 -2.32 -2.44 -24.87
C SER B 242 -3.59 -2.79 -25.66
N LYS B 243 -3.60 -2.45 -26.94
CA LYS B 243 -4.78 -2.67 -27.77
C LYS B 243 -5.06 -4.15 -28.03
N ARG B 244 -4.16 -5.01 -27.58
CA ARG B 244 -4.33 -6.45 -27.74
C ARG B 244 -5.17 -7.05 -26.62
N THR B 245 -5.59 -6.21 -25.67
CA THR B 245 -6.29 -6.72 -24.50
C THR B 245 -7.41 -5.78 -24.03
N PRO B 246 -8.30 -5.39 -24.96
CA PRO B 246 -9.38 -4.46 -24.67
C PRO B 246 -10.33 -4.95 -23.56
N HIS B 247 -10.87 -6.15 -23.71
CA HIS B 247 -11.79 -6.69 -22.72
C HIS B 247 -11.12 -6.80 -21.35
N ALA B 248 -9.88 -7.25 -21.35
CA ALA B 248 -9.12 -7.39 -20.11
C ALA B 248 -8.95 -6.05 -19.42
N TRP B 249 -8.68 -5.01 -20.20
CA TRP B 249 -8.55 -3.67 -19.66
C TRP B 249 -9.84 -3.21 -19.00
N ALA B 250 -10.95 -3.36 -19.73
CA ALA B 250 -12.25 -2.94 -19.22
C ALA B 250 -12.57 -3.62 -17.90
N ALA B 251 -12.29 -4.92 -17.82
CA ALA B 251 -12.53 -5.69 -16.60
C ALA B 251 -11.70 -5.16 -15.45
N MET B 252 -10.42 -4.88 -15.72
CA MET B 252 -9.53 -4.32 -14.71
C MET B 252 -10.09 -3.02 -14.17
N GLN B 253 -10.62 -2.18 -15.06
CA GLN B 253 -11.18 -0.90 -14.67
C GLN B 253 -12.39 -1.07 -13.77
N GLN B 254 -13.20 -2.09 -14.07
CA GLN B 254 -14.36 -2.40 -13.24
C GLN B 254 -13.91 -2.80 -11.84
N VAL B 255 -12.83 -3.58 -11.76
CA VAL B 255 -12.28 -4.01 -10.49
C VAL B 255 -11.74 -2.81 -9.71
N ARG B 256 -10.98 -1.95 -10.40
CA ARG B 256 -10.47 -0.74 -9.78
C ARG B 256 -11.60 0.07 -9.15
N GLU B 257 -12.70 0.19 -9.89
CA GLU B 257 -13.85 0.98 -9.44
C GLU B 257 -14.40 0.51 -8.10
N MET B 258 -14.40 -0.80 -7.88
CA MET B 258 -14.98 -1.36 -6.66
C MET B 258 -13.93 -1.70 -5.61
N THR B 259 -12.71 -1.21 -5.79
CA THR B 259 -11.63 -1.54 -4.86
C THR B 259 -10.73 -0.36 -4.49
N THR B 260 -9.89 0.07 -5.43
CA THR B 260 -8.82 1.01 -5.10
C THR B 260 -8.95 2.40 -5.75
N ALA B 261 -9.92 2.56 -6.64
CA ALA B 261 -10.11 3.83 -7.34
C ALA B 261 -10.38 4.97 -6.36
N VAL B 262 -9.81 6.14 -6.65
CA VAL B 262 -10.04 7.32 -5.83
C VAL B 262 -11.42 7.92 -6.11
N PRO B 263 -12.27 7.97 -5.09
CA PRO B 263 -13.63 8.50 -5.23
C PRO B 263 -13.64 10.01 -5.43
N LEU B 264 -14.44 10.49 -6.38
CA LEU B 264 -14.57 11.92 -6.62
C LEU B 264 -14.98 12.64 -5.34
N GLU B 265 -15.82 11.99 -4.55
CA GLU B 265 -16.30 12.55 -3.29
C GLU B 265 -15.14 12.93 -2.38
N GLU B 266 -14.16 12.05 -2.29
CA GLU B 266 -13.01 12.24 -1.42
C GLU B 266 -12.20 13.46 -1.86
N MET B 267 -11.94 13.55 -3.16
CA MET B 267 -11.19 14.67 -3.71
C MET B 267 -11.90 15.99 -3.45
N MET B 268 -13.23 15.97 -3.54
CA MET B 268 -14.03 17.18 -3.32
C MET B 268 -13.94 17.66 -1.88
N ARG B 269 -13.92 16.73 -0.93
CA ARG B 269 -13.76 17.08 0.46
C ARG B 269 -12.37 17.68 0.70
N ILE B 270 -11.38 17.18 -0.04
CA ILE B 270 -10.02 17.68 0.09
C ILE B 270 -9.89 19.10 -0.46
N THR B 271 -10.73 19.45 -1.43
CA THR B 271 -10.72 20.80 -1.99
C THR B 271 -11.09 21.82 -0.92
N GLU B 272 -11.98 21.44 -0.01
CA GLU B 272 -12.36 22.29 1.10
C GLU B 272 -11.15 22.59 1.97
N ILE B 273 -10.39 21.54 2.28
CA ILE B 273 -9.18 21.68 3.07
C ILE B 273 -8.16 22.55 2.35
N TRP B 274 -8.04 22.35 1.04
CA TRP B 274 -7.10 23.10 0.23
C TRP B 274 -7.40 24.59 0.23
N VAL B 275 -8.65 24.94 -0.04
CA VAL B 275 -9.05 26.34 -0.13
C VAL B 275 -8.90 27.06 1.21
N ASP B 276 -9.27 26.38 2.29
CA ASP B 276 -9.16 26.96 3.62
C ASP B 276 -7.70 27.29 3.96
N THR B 277 -6.79 26.46 3.48
CA THR B 277 -5.37 26.68 3.70
C THR B 277 -4.85 27.79 2.80
N ALA B 278 -5.27 27.76 1.54
CA ALA B 278 -4.84 28.76 0.57
C ALA B 278 -5.22 30.17 1.01
N MET B 279 -6.42 30.31 1.57
CA MET B 279 -6.94 31.60 1.98
C MET B 279 -6.14 32.19 3.15
N GLN B 280 -5.31 31.38 3.77
CA GLN B 280 -4.54 31.82 4.94
C GLN B 280 -3.09 32.19 4.59
N LEU B 281 -2.76 32.14 3.31
CA LEU B 281 -1.40 32.49 2.87
C LEU B 281 -1.02 33.91 3.28
N GLY B 282 0.17 34.05 3.85
CA GLY B 282 0.65 35.34 4.31
C GLY B 282 1.24 36.19 3.21
N GLU B 283 1.61 37.42 3.54
CA GLU B 283 2.18 38.35 2.57
C GLU B 283 3.46 37.81 1.95
N LYS B 284 4.32 37.22 2.77
CA LYS B 284 5.57 36.66 2.27
C LYS B 284 5.32 35.63 1.17
N SER B 285 4.44 34.67 1.46
CA SER B 285 4.09 33.64 0.50
C SER B 285 3.51 34.24 -0.79
N LEU B 286 2.55 35.13 -0.63
CA LEU B 286 1.90 35.77 -1.77
C LEU B 286 2.92 36.49 -2.66
N ARG B 287 3.85 37.18 -2.03
CA ARG B 287 4.89 37.89 -2.75
C ARG B 287 5.82 36.92 -3.49
N THR B 288 6.17 35.83 -2.82
CA THR B 288 6.98 34.79 -3.44
C THR B 288 6.28 34.25 -4.68
N MET B 289 4.97 34.09 -4.58
CA MET B 289 4.17 33.61 -5.70
C MET B 289 4.13 34.64 -6.82
N ASP B 290 4.01 35.91 -6.46
CA ASP B 290 4.03 37.00 -7.43
C ASP B 290 5.28 36.92 -8.29
N ARG B 291 6.43 36.81 -7.64
CA ARG B 291 7.71 36.79 -8.34
C ARG B 291 7.91 35.53 -9.17
N LEU B 292 7.40 34.40 -8.68
CA LEU B 292 7.50 33.15 -9.41
C LEU B 292 6.77 33.26 -10.74
N VAL B 293 5.58 33.83 -10.71
CA VAL B 293 4.79 34.03 -11.92
C VAL B 293 5.56 34.85 -12.94
N ARG B 294 6.14 35.95 -12.50
CA ARG B 294 6.90 36.83 -13.38
C ARG B 294 8.13 36.12 -13.93
N ALA B 295 8.82 35.38 -13.07
CA ALA B 295 10.02 34.64 -13.48
C ALA B 295 9.69 33.60 -14.55
N GLN B 296 8.60 32.87 -14.33
CA GLN B 296 8.20 31.83 -15.27
C GLN B 296 7.60 32.40 -16.54
N SER B 297 6.91 33.54 -16.42
CA SER B 297 6.29 34.18 -17.56
C SER B 297 7.33 34.84 -18.47
N SER C 30 7.37 11.56 37.24
CA SER C 30 8.79 11.42 37.70
C SER C 30 9.61 10.64 36.68
N THR C 31 8.94 9.95 35.77
CA THR C 31 9.61 9.11 34.78
C THR C 31 10.04 9.91 33.56
N LEU C 32 9.62 11.16 33.48
CA LEU C 32 9.91 11.99 32.31
C LEU C 32 10.68 13.26 32.64
N ARG C 33 11.57 13.65 31.74
CA ARG C 33 12.21 14.95 31.81
C ARG C 33 11.70 15.79 30.64
N ILE C 34 10.78 16.70 30.93
CA ILE C 34 10.14 17.50 29.89
C ILE C 34 10.80 18.86 29.72
N ILE C 35 11.10 19.22 28.47
CA ILE C 35 11.60 20.53 28.16
C ILE C 35 10.65 21.22 27.18
N GLU C 36 9.96 22.25 27.65
CA GLU C 36 8.99 22.95 26.84
C GLU C 36 9.55 24.26 26.30
N GLU C 37 9.34 24.48 25.00
CA GLU C 37 9.77 25.72 24.37
C GLU C 37 8.59 26.40 23.67
N PRO C 38 7.69 26.99 24.46
CA PRO C 38 6.51 27.66 23.92
C PRO C 38 6.90 28.80 22.98
N GLN C 39 8.14 29.25 23.07
CA GLN C 39 8.65 30.31 22.20
C GLN C 39 8.51 29.90 20.74
N ARG C 40 8.82 28.64 20.45
CA ARG C 40 8.72 28.12 19.09
C ARG C 40 7.81 26.90 19.05
N ASP C 41 7.10 26.67 20.14
CA ASP C 41 6.18 25.54 20.25
C ASP C 41 6.85 24.21 19.90
N VAL C 42 7.98 23.95 20.56
CA VAL C 42 8.65 22.66 20.47
C VAL C 42 8.69 22.07 21.87
N TYR C 43 8.30 20.80 21.99
CA TYR C 43 8.21 20.16 23.29
C TYR C 43 8.91 18.81 23.31
N TRP C 44 9.87 18.68 24.22
CA TRP C 44 10.70 17.48 24.30
C TRP C 44 10.26 16.57 25.43
N ILE C 45 10.04 15.30 25.11
CA ILE C 45 9.69 14.29 26.10
C ILE C 45 10.81 13.27 26.24
N HIS C 46 11.57 13.37 27.33
CA HIS C 46 12.67 12.45 27.57
C HIS C 46 12.25 11.34 28.53
N MET C 47 12.23 10.10 28.03
CA MET C 47 11.84 8.95 28.82
C MET C 47 12.94 8.52 29.79
N HIS C 48 12.54 7.87 30.88
CA HIS C 48 13.47 7.23 31.79
C HIS C 48 14.25 8.20 32.66
N ALA C 49 13.61 9.29 33.06
CA ALA C 49 14.23 10.27 33.95
C ALA C 49 14.36 9.71 35.36
N ASP C 50 13.53 8.70 35.67
CA ASP C 50 13.51 8.11 37.00
C ASP C 50 14.68 7.15 37.22
N LEU C 51 15.26 6.65 36.13
CA LEU C 51 16.34 5.68 36.22
C LEU C 51 17.69 6.34 36.52
N ALA C 52 17.84 7.58 36.06
CA ALA C 52 19.09 8.33 36.28
C ALA C 52 19.68 8.01 37.65
N PRO C 55 17.37 3.78 38.80
CA PRO C 55 18.06 2.55 38.39
C PRO C 55 17.08 1.39 38.21
N GLY C 56 16.97 0.90 36.98
CA GLY C 56 16.07 -0.21 36.67
C GLY C 56 16.07 -0.56 35.20
N ARG C 57 14.93 -1.06 34.71
CA ARG C 57 14.82 -1.45 33.31
C ARG C 57 14.14 -0.36 32.49
N ALA C 58 14.80 0.05 31.41
CA ALA C 58 14.28 1.12 30.55
C ALA C 58 13.16 0.62 29.64
N CYS C 59 12.00 0.37 30.23
CA CYS C 59 10.85 -0.11 29.49
C CYS C 59 9.62 0.75 29.76
N PHE C 60 8.50 0.38 29.17
CA PHE C 60 7.25 1.09 29.39
C PHE C 60 6.57 0.61 30.66
N SER C 61 7.09 1.03 31.81
CA SER C 61 6.46 0.73 33.09
C SER C 61 5.11 1.41 33.16
N THR C 62 4.24 0.92 34.03
CA THR C 62 2.90 1.50 34.17
C THR C 62 3.01 2.98 34.48
N ARG C 63 4.00 3.36 35.28
CA ARG C 63 4.21 4.75 35.66
C ARG C 63 4.60 5.59 34.44
N LEU C 64 5.53 5.08 33.64
CA LEU C 64 5.99 5.78 32.45
C LEU C 64 4.83 6.01 31.47
N VAL C 65 4.03 4.98 31.26
CA VAL C 65 2.88 5.07 30.36
C VAL C 65 1.89 6.12 30.86
N ASP C 66 1.63 6.12 32.15
CA ASP C 66 0.74 7.10 32.75
C ASP C 66 1.28 8.51 32.61
N ASP C 67 2.58 8.67 32.84
CA ASP C 67 3.24 9.96 32.72
C ASP C 67 3.17 10.50 31.29
N ILE C 68 3.39 9.62 30.32
CA ILE C 68 3.36 10.01 28.92
C ILE C 68 1.96 10.41 28.48
N THR C 69 0.99 9.55 28.76
CA THR C 69 -0.40 9.81 28.37
C THR C 69 -0.94 11.05 29.06
N GLY C 70 -0.56 11.23 30.33
CA GLY C 70 -0.99 12.40 31.09
C GLY C 70 -0.49 13.69 30.48
N TYR C 71 0.78 13.70 30.08
CA TYR C 71 1.39 14.88 29.47
C TYR C 71 0.81 15.13 28.08
N GLN C 72 0.62 14.07 27.31
CA GLN C 72 0.04 14.17 25.98
C GLN C 72 -1.30 14.89 26.02
N THR C 73 -2.17 14.42 26.91
CA THR C 73 -3.51 14.98 27.05
C THR C 73 -3.45 16.45 27.46
N ASN C 74 -2.60 16.75 28.44
CA ASN C 74 -2.43 18.12 28.91
C ASN C 74 -1.91 19.05 27.82
N LEU C 75 -0.80 18.64 27.20
CA LEU C 75 -0.19 19.43 26.14
C LEU C 75 -1.16 19.64 24.98
N GLY C 76 -1.77 18.55 24.52
CA GLY C 76 -2.72 18.62 23.42
C GLY C 76 -3.82 19.64 23.66
N GLN C 77 -4.39 19.62 24.86
CA GLN C 77 -5.44 20.56 25.23
C GLN C 77 -4.93 21.99 25.25
N ARG C 78 -3.74 22.18 25.82
CA ARG C 78 -3.11 23.50 25.86
C ARG C 78 -2.90 24.03 24.44
N LEU C 79 -2.37 23.19 23.57
CA LEU C 79 -2.12 23.58 22.19
C LEU C 79 -3.40 23.98 21.47
N ASN C 80 -4.45 23.18 21.64
CA ASN C 80 -5.73 23.46 21.02
C ASN C 80 -6.30 24.80 21.47
N THR C 81 -6.32 25.02 22.79
CA THR C 81 -6.84 26.25 23.36
C THR C 81 -6.05 27.46 22.86
N ALA C 82 -4.73 27.31 22.81
CA ALA C 82 -3.86 28.38 22.32
C ALA C 82 -3.96 28.54 20.82
N GLY C 83 -4.45 27.49 20.16
CA GLY C 83 -4.63 27.51 18.71
C GLY C 83 -3.31 27.54 17.95
N VAL C 84 -2.25 27.07 18.60
CA VAL C 84 -0.94 27.02 17.97
C VAL C 84 -0.95 26.11 16.74
N LEU C 85 -0.37 26.61 15.66
CA LEU C 85 -0.38 25.89 14.38
C LEU C 85 0.88 25.05 14.19
N ALA C 86 0.67 23.75 14.01
CA ALA C 86 1.76 22.83 13.68
C ALA C 86 2.89 22.83 14.73
N PRO C 87 2.54 22.49 15.98
CA PRO C 87 3.56 22.36 17.02
C PRO C 87 4.39 21.10 16.82
N HIS C 88 5.54 21.03 17.49
CA HIS C 88 6.41 19.86 17.39
C HIS C 88 6.59 19.17 18.73
N VAL C 89 6.42 17.85 18.74
CA VAL C 89 6.66 17.06 19.95
C VAL C 89 7.72 16.00 19.66
N VAL C 90 8.76 15.95 20.48
CA VAL C 90 9.85 15.02 20.29
C VAL C 90 9.88 13.96 21.38
N LEU C 91 9.91 12.70 20.97
CA LEU C 91 10.03 11.58 21.90
C LEU C 91 11.47 11.09 21.93
N ALA C 92 12.12 11.26 23.07
CA ALA C 92 13.52 10.86 23.23
C ALA C 92 13.73 10.08 24.51
N SER C 93 14.99 9.73 24.79
CA SER C 93 15.32 8.96 25.97
C SER C 93 16.59 9.47 26.65
N ASP C 94 16.60 9.45 27.98
CA ASP C 94 17.76 9.85 28.76
C ASP C 94 18.63 8.64 29.11
N SER C 95 18.18 7.46 28.70
CA SER C 95 18.92 6.23 28.96
C SER C 95 19.82 5.88 27.78
N ASP C 96 20.70 4.90 27.97
CA ASP C 96 21.59 4.45 26.90
C ASP C 96 20.82 3.64 25.86
N VAL C 97 19.54 3.39 26.14
CA VAL C 97 18.65 2.77 25.19
C VAL C 97 17.41 3.65 25.02
N PHE C 98 16.73 3.51 23.89
CA PHE C 98 15.51 4.27 23.64
C PHE C 98 14.39 3.75 24.53
N ASN C 99 14.02 2.50 24.31
CA ASN C 99 13.01 1.84 25.13
C ASN C 99 12.95 0.35 24.81
N LEU C 100 12.90 -0.48 25.85
CA LEU C 100 12.97 -1.92 25.68
C LEU C 100 11.61 -2.58 25.49
N GLY C 101 10.56 -1.76 25.51
CA GLY C 101 9.22 -2.26 25.21
C GLY C 101 8.35 -2.48 26.44
N GLY C 102 7.46 -3.46 26.34
CA GLY C 102 6.52 -3.76 27.42
C GLY C 102 7.20 -4.14 28.72
N ASP C 103 6.50 -3.91 29.83
CA ASP C 103 7.03 -4.27 31.14
C ASP C 103 6.90 -5.77 31.37
N LEU C 104 7.92 -6.51 30.95
CA LEU C 104 7.89 -7.97 31.05
C LEU C 104 7.72 -8.45 32.49
N ALA C 105 8.37 -7.76 33.42
CA ALA C 105 8.24 -8.09 34.84
C ALA C 105 6.78 -8.03 35.24
N LEU C 106 6.07 -7.00 34.78
CA LEU C 106 4.65 -6.84 35.07
C LEU C 106 3.85 -7.94 34.39
N PHE C 107 4.15 -8.21 33.13
CA PHE C 107 3.44 -9.24 32.37
C PHE C 107 3.47 -10.58 33.10
N CYS C 108 4.67 -11.02 33.48
CA CYS C 108 4.83 -12.29 34.18
C CYS C 108 3.96 -12.36 35.42
N GLN C 109 3.97 -11.29 36.22
CA GLN C 109 3.18 -11.24 37.44
C GLN C 109 1.70 -11.41 37.15
N LEU C 110 1.17 -10.56 36.25
CA LEU C 110 -0.25 -10.57 35.93
C LEU C 110 -0.68 -11.88 35.27
N ILE C 111 0.17 -12.41 34.41
CA ILE C 111 -0.14 -13.66 33.71
C ILE C 111 -0.20 -14.84 34.68
N ARG C 112 0.78 -14.91 35.57
CA ARG C 112 0.83 -15.98 36.58
C ARG C 112 -0.30 -15.84 37.58
N GLU C 113 -0.80 -14.62 37.75
CA GLU C 113 -1.89 -14.36 38.67
C GLU C 113 -3.25 -14.47 37.96
N GLY C 114 -3.20 -14.52 36.64
CA GLY C 114 -4.42 -14.64 35.83
C GLY C 114 -5.24 -13.37 35.81
N ASP C 115 -4.57 -12.24 36.04
CA ASP C 115 -5.26 -10.95 36.09
C ASP C 115 -5.37 -10.33 34.70
N ARG C 116 -6.33 -10.82 33.93
CA ARG C 116 -6.54 -10.33 32.57
C ARG C 116 -6.95 -8.86 32.56
N ALA C 117 -7.80 -8.48 33.51
CA ALA C 117 -8.30 -7.11 33.60
C ALA C 117 -7.17 -6.09 33.65
N ARG C 118 -6.22 -6.31 34.56
CA ARG C 118 -5.12 -5.38 34.73
C ARG C 118 -4.19 -5.35 33.52
N LEU C 119 -3.96 -6.53 32.94
CA LEU C 119 -3.10 -6.63 31.77
C LEU C 119 -3.72 -5.87 30.59
N LEU C 120 -5.02 -6.08 30.39
CA LEU C 120 -5.74 -5.39 29.32
C LEU C 120 -5.69 -3.88 29.53
N ASP C 121 -5.93 -3.44 30.77
CA ASP C 121 -5.90 -2.02 31.09
C ASP C 121 -4.55 -1.42 30.71
N TYR C 122 -3.47 -2.12 31.06
CA TYR C 122 -2.13 -1.68 30.72
C TYR C 122 -1.98 -1.55 29.21
N ALA C 123 -2.41 -2.57 28.48
CA ALA C 123 -2.32 -2.58 27.03
C ALA C 123 -3.07 -1.40 26.42
N GLN C 124 -4.26 -1.14 26.92
CA GLN C 124 -5.10 -0.06 26.41
C GLN C 124 -4.46 1.31 26.65
N ARG C 125 -3.81 1.46 27.79
CA ARG C 125 -3.11 2.71 28.09
C ARG C 125 -1.92 2.91 27.17
N CYS C 126 -1.21 1.83 26.85
CA CYS C 126 -0.10 1.89 25.92
C CYS C 126 -0.58 2.32 24.53
N VAL C 127 -1.69 1.72 24.09
CA VAL C 127 -2.25 2.03 22.78
C VAL C 127 -2.68 3.49 22.68
N ARG C 128 -3.24 4.03 23.77
CA ARG C 128 -3.63 5.43 23.79
C ARG C 128 -2.41 6.32 23.60
N GLY C 129 -1.30 5.91 24.21
CA GLY C 129 -0.04 6.66 24.12
C GLY C 129 0.52 6.73 22.73
N VAL C 130 0.65 5.58 22.07
CA VAL C 130 1.23 5.53 20.73
C VAL C 130 0.29 6.15 19.68
N HIS C 131 -1.00 5.92 19.85
CA HIS C 131 -1.97 6.50 18.92
C HIS C 131 -1.96 8.02 19.01
N ALA C 132 -1.74 8.55 20.23
CA ALA C 132 -1.66 9.99 20.44
C ALA C 132 -0.55 10.61 19.59
N PHE C 133 0.62 9.99 19.58
CA PHE C 133 1.72 10.46 18.76
C PHE C 133 1.34 10.38 17.28
N HIS C 134 0.64 9.32 16.92
CA HIS C 134 0.25 9.08 15.53
C HIS C 134 -0.68 10.15 15.00
N VAL C 135 -1.55 10.67 15.86
CA VAL C 135 -2.52 11.69 15.45
C VAL C 135 -2.17 13.08 15.98
N GLY C 136 -0.92 13.26 16.38
CA GLY C 136 -0.44 14.57 16.79
C GLY C 136 -1.06 15.12 18.06
N LEU C 137 -1.34 14.24 19.00
CA LEU C 137 -1.88 14.64 20.31
C LEU C 137 -3.24 15.32 20.20
N GLY C 138 -3.88 15.20 19.04
CA GLY C 138 -5.17 15.83 18.82
C GLY C 138 -5.03 17.31 18.54
N ALA C 139 -3.80 17.75 18.33
CA ALA C 139 -3.51 19.14 18.02
C ALA C 139 -2.75 19.25 16.71
N ARG C 140 -2.84 18.20 15.90
CA ARG C 140 -2.15 18.15 14.61
C ARG C 140 -0.68 18.53 14.74
N ALA C 141 -0.03 18.00 15.77
CA ALA C 141 1.38 18.27 16.00
C ALA C 141 2.26 17.33 15.19
N HIS C 142 3.52 17.71 15.03
CA HIS C 142 4.50 16.89 14.33
C HIS C 142 5.27 16.06 15.34
N SER C 143 5.02 14.75 15.36
CA SER C 143 5.69 13.84 16.27
C SER C 143 7.03 13.38 15.69
N ILE C 144 8.09 13.53 16.45
CA ILE C 144 9.41 13.12 16.02
C ILE C 144 10.04 12.17 17.04
N ALA C 145 10.39 10.97 16.58
CA ALA C 145 11.06 10.01 17.44
C ALA C 145 12.58 10.14 17.28
N LEU C 146 13.26 10.46 18.37
CA LEU C 146 14.71 10.53 18.38
C LEU C 146 15.27 9.26 19.02
N VAL C 147 15.73 8.33 18.19
CA VAL C 147 16.22 7.05 18.67
C VAL C 147 17.74 7.00 18.65
N GLN C 148 18.34 7.17 19.82
CA GLN C 148 19.80 7.18 19.96
C GLN C 148 20.28 5.91 20.65
N GLY C 149 19.34 5.01 20.95
CA GLY C 149 19.66 3.74 21.57
C GLY C 149 18.70 2.67 21.08
N ASN C 150 18.97 1.41 21.45
CA ASN C 150 18.14 0.30 21.00
C ASN C 150 16.66 0.49 21.31
N ALA C 151 15.82 0.15 20.34
CA ALA C 151 14.38 0.23 20.51
C ALA C 151 13.76 -1.14 20.22
N LEU C 152 13.38 -1.84 21.28
CA LEU C 152 12.84 -3.19 21.15
C LEU C 152 11.36 -3.25 21.49
N GLY C 153 10.62 -4.09 20.76
CA GLY C 153 9.20 -4.28 21.02
C GLY C 153 8.42 -2.97 21.08
N GLY C 154 7.77 -2.74 22.21
CA GLY C 154 7.01 -1.52 22.41
C GLY C 154 7.81 -0.27 22.07
N GLY C 155 9.11 -0.33 22.33
CA GLY C 155 9.99 0.80 22.03
C GLY C 155 10.03 1.09 20.55
N PHE C 156 10.15 0.04 19.75
CA PHE C 156 10.17 0.17 18.30
C PHE C 156 8.80 0.64 17.81
N GLU C 157 7.75 0.09 18.39
CA GLU C 157 6.38 0.48 18.06
C GLU C 157 6.13 1.95 18.38
N ALA C 158 6.69 2.41 19.50
CA ALA C 158 6.55 3.81 19.90
C ALA C 158 7.15 4.72 18.83
N ALA C 159 8.31 4.34 18.31
CA ALA C 159 8.97 5.10 17.26
C ALA C 159 8.13 5.12 15.99
N LEU C 160 7.59 3.95 15.63
CA LEU C 160 6.77 3.82 14.44
C LEU C 160 5.47 4.61 14.54
N SER C 161 5.07 4.94 15.76
CA SER C 161 3.83 5.68 15.98
C SER C 161 4.02 7.16 15.65
N CYS C 162 5.26 7.61 15.62
CA CYS C 162 5.56 9.01 15.32
C CYS C 162 5.54 9.27 13.81
N HIS C 163 5.61 10.53 13.43
CA HIS C 163 5.56 10.91 12.02
C HIS C 163 6.94 10.86 11.38
N THR C 164 7.97 11.15 12.17
CA THR C 164 9.34 11.13 11.68
C THR C 164 10.25 10.37 12.66
N ILE C 165 11.04 9.45 12.13
CA ILE C 165 11.98 8.70 12.95
C ILE C 165 13.42 9.06 12.62
N ILE C 166 14.13 9.61 13.59
CA ILE C 166 15.53 9.94 13.43
C ILE C 166 16.37 9.01 14.30
N ALA C 167 17.27 8.27 13.66
CA ALA C 167 18.10 7.31 14.37
C ALA C 167 19.58 7.59 14.15
N GLU C 168 20.40 7.24 15.14
CA GLU C 168 21.83 7.37 15.03
C GLU C 168 22.45 6.04 14.61
N GLU C 169 23.55 6.11 13.87
CA GLU C 169 24.23 4.92 13.37
C GLU C 169 24.48 3.91 14.50
N GLY C 170 24.31 2.63 14.18
CA GLY C 170 24.58 1.57 15.14
C GLY C 170 23.34 1.12 15.89
N VAL C 171 22.37 2.02 16.05
CA VAL C 171 21.15 1.70 16.78
C VAL C 171 20.43 0.50 16.18
N MET C 172 19.92 -0.37 17.05
CA MET C 172 19.19 -1.56 16.62
C MET C 172 17.73 -1.48 17.04
N MET C 173 16.84 -1.84 16.13
CA MET C 173 15.41 -1.88 16.43
C MET C 173 14.80 -3.21 15.96
N GLY C 174 13.71 -3.61 16.59
CA GLY C 174 13.03 -4.85 16.20
C GLY C 174 12.01 -5.30 17.22
N LEU C 175 11.40 -6.45 16.96
CA LEU C 175 10.39 -7.01 17.84
C LEU C 175 10.73 -8.47 18.17
N PRO C 176 11.86 -8.68 18.84
CA PRO C 176 12.36 -10.01 19.13
C PRO C 176 11.52 -10.78 20.15
N GLU C 177 10.56 -10.11 20.78
CA GLU C 177 9.73 -10.75 21.79
C GLU C 177 8.89 -11.88 21.22
N VAL C 178 8.61 -11.81 19.91
CA VAL C 178 7.84 -12.86 19.27
C VAL C 178 8.54 -14.21 19.42
N LEU C 179 9.83 -14.17 19.69
CA LEU C 179 10.63 -15.39 19.81
C LEU C 179 10.24 -16.25 21.00
N PHE C 180 9.72 -15.62 22.05
CA PHE C 180 9.13 -16.39 23.15
C PHE C 180 7.61 -16.38 23.05
N ASP C 181 7.12 -16.19 21.84
CA ASP C 181 5.71 -16.35 21.50
C ASP C 181 4.81 -15.25 22.07
N LEU C 182 5.37 -14.04 22.18
CA LEU C 182 4.61 -12.90 22.64
C LEU C 182 4.34 -11.94 21.48
N PHE C 183 3.12 -11.97 20.96
CA PHE C 183 2.74 -11.11 19.85
C PHE C 183 2.95 -9.65 20.20
N PRO C 184 3.37 -8.84 19.23
CA PRO C 184 3.53 -7.40 19.42
C PRO C 184 2.20 -6.71 19.69
N MET C 186 0.74 -1.02 21.60
CA MET C 186 1.50 -1.71 20.56
C MET C 186 1.32 -1.01 19.21
N GLY C 187 0.64 -1.67 18.29
CA GLY C 187 0.32 -1.09 17.00
C GLY C 187 1.35 -1.35 15.91
N ALA C 188 2.29 -2.24 16.18
CA ALA C 188 3.35 -2.55 15.24
C ALA C 188 2.84 -2.72 13.81
N TYR C 189 1.89 -3.64 13.63
CA TYR C 189 1.35 -3.93 12.31
C TYR C 189 0.72 -2.70 11.67
N SER C 190 -0.16 -2.05 12.42
CA SER C 190 -0.85 -0.86 11.93
C SER C 190 0.12 0.20 11.43
N PHE C 191 1.13 0.50 12.24
CA PHE C 191 2.10 1.54 11.89
C PHE C 191 2.98 1.12 10.71
N MET C 192 3.42 -0.13 10.72
CA MET C 192 4.28 -0.63 9.64
C MET C 192 3.59 -0.56 8.28
N CYS C 193 2.29 -0.85 8.26
CA CYS C 193 1.53 -0.86 7.00
C CYS C 193 1.45 0.54 6.38
N GLN C 194 1.77 1.56 7.16
CA GLN C 194 1.84 2.92 6.66
C GLN C 194 3.08 3.12 5.80
N ARG C 195 4.10 2.30 6.06
CA ARG C 195 5.40 2.46 5.42
C ARG C 195 5.71 1.34 4.41
N ILE C 196 5.23 0.13 4.70
CA ILE C 196 5.52 -1.03 3.85
C ILE C 196 4.28 -1.85 3.58
N SER C 197 4.43 -2.89 2.76
CA SER C 197 3.31 -3.76 2.41
C SER C 197 2.85 -4.57 3.62
N ALA C 198 1.58 -4.96 3.61
CA ALA C 198 1.03 -5.78 4.68
C ALA C 198 1.80 -7.08 4.81
N HIS C 199 2.18 -7.65 3.66
CA HIS C 199 2.90 -8.92 3.64
C HIS C 199 4.27 -8.80 4.31
N LEU C 200 5.03 -7.77 3.95
CA LEU C 200 6.35 -7.56 4.52
C LEU C 200 6.26 -7.25 6.01
N ALA C 201 5.28 -6.45 6.39
CA ALA C 201 5.07 -6.10 7.78
C ALA C 201 4.85 -7.36 8.62
N GLN C 202 4.03 -8.26 8.09
CA GLN C 202 3.73 -9.52 8.76
C GLN C 202 4.98 -10.37 8.94
N LYS C 203 5.79 -10.45 7.88
CA LYS C 203 7.01 -11.25 7.91
C LYS C 203 7.99 -10.71 8.94
N ILE C 204 8.15 -9.39 8.95
CA ILE C 204 9.03 -8.73 9.92
C ILE C 204 8.58 -8.99 11.34
N MET C 205 7.28 -8.87 11.57
CA MET C 205 6.72 -9.03 12.91
C MET C 205 6.93 -10.44 13.47
N LEU C 206 6.95 -11.44 12.60
CA LEU C 206 7.04 -12.83 13.04
C LEU C 206 8.44 -13.42 13.03
N GLU C 207 9.36 -12.76 12.33
CA GLU C 207 10.73 -13.28 12.21
C GLU C 207 11.56 -13.08 13.47
N GLY C 208 11.29 -12.00 14.19
CA GLY C 208 11.97 -11.72 15.46
C GLY C 208 13.39 -11.22 15.31
N ASN C 209 13.71 -10.66 14.13
CA ASN C 209 15.04 -10.16 13.86
C ASN C 209 15.26 -8.73 14.35
N LEU C 210 16.52 -8.39 14.61
CA LEU C 210 16.89 -7.01 14.92
C LEU C 210 17.52 -6.37 13.70
N TYR C 211 17.21 -5.10 13.47
CA TYR C 211 17.72 -4.38 12.31
C TYR C 211 18.48 -3.14 12.73
N SER C 212 19.55 -2.84 12.00
CA SER C 212 20.32 -1.62 12.24
C SER C 212 19.60 -0.44 11.62
N ALA C 213 19.92 0.76 12.09
CA ALA C 213 19.33 1.98 11.56
C ALA C 213 19.53 2.04 10.05
N GLU C 214 20.72 1.69 9.60
CA GLU C 214 21.04 1.69 8.17
C GLU C 214 20.08 0.80 7.39
N GLN C 215 19.91 -0.44 7.87
CA GLN C 215 18.99 -1.37 7.23
C GLN C 215 17.57 -0.82 7.22
N LEU C 216 17.14 -0.32 8.39
CA LEU C 216 15.79 0.22 8.52
C LEU C 216 15.53 1.35 7.54
N LEU C 217 16.55 2.17 7.30
CA LEU C 217 16.43 3.29 6.37
C LEU C 217 16.14 2.79 4.97
N GLY C 218 16.88 1.77 4.53
CA GLY C 218 16.70 1.19 3.21
C GLY C 218 15.37 0.47 3.09
N MET C 219 14.80 0.10 4.23
CA MET C 219 13.53 -0.61 4.26
C MET C 219 12.36 0.37 4.31
N GLY C 220 12.66 1.63 4.62
CA GLY C 220 11.63 2.66 4.70
C GLY C 220 10.96 2.71 6.06
N LEU C 221 11.61 2.13 7.05
CA LEU C 221 11.06 2.07 8.41
C LEU C 221 11.58 3.20 9.29
N VAL C 222 12.71 3.78 8.90
CA VAL C 222 13.21 5.00 9.53
C VAL C 222 13.45 6.05 8.46
N ASP C 223 13.41 7.32 8.86
CA ASP C 223 13.43 8.41 7.91
C ASP C 223 14.81 9.03 7.69
N ARG C 224 15.58 9.13 8.76
CA ARG C 224 16.91 9.72 8.67
C ARG C 224 17.88 9.05 9.65
N VAL C 225 19.08 8.76 9.16
CA VAL C 225 20.11 8.16 9.99
C VAL C 225 21.35 9.04 9.99
N VAL C 226 21.80 9.44 11.18
CA VAL C 226 22.96 10.29 11.31
C VAL C 226 23.98 9.69 12.27
N PRO C 227 25.21 10.21 12.24
CA PRO C 227 26.30 9.72 13.09
C PRO C 227 25.94 9.85 14.57
N ARG C 228 26.56 9.02 15.39
CA ARG C 228 26.35 9.09 16.85
C ARG C 228 26.62 10.51 17.35
N GLY C 229 25.72 11.03 18.16
CA GLY C 229 25.89 12.35 18.76
C GLY C 229 25.34 13.49 17.90
N GLN C 230 24.80 13.15 16.74
CA GLN C 230 24.24 14.16 15.85
C GLN C 230 22.72 14.07 15.76
N GLY C 231 22.14 13.20 16.58
CA GLY C 231 20.69 12.99 16.58
C GLY C 231 19.89 14.25 16.83
N VAL C 232 20.26 14.99 17.88
CA VAL C 232 19.55 16.21 18.23
C VAL C 232 19.64 17.23 17.09
N ALA C 233 20.81 17.36 16.50
CA ALA C 233 21.01 18.27 15.37
C ALA C 233 20.10 17.89 14.21
N ALA C 234 19.94 16.59 13.99
CA ALA C 234 19.07 16.09 12.93
C ALA C 234 17.61 16.46 13.19
N VAL C 235 17.20 16.31 14.44
CA VAL C 235 15.85 16.67 14.84
C VAL C 235 15.59 18.16 14.59
N GLU C 236 16.57 18.98 14.96
CA GLU C 236 16.45 20.43 14.76
C GLU C 236 16.33 20.79 13.30
N GLN C 237 16.99 20.01 12.44
CA GLN C 237 16.91 20.23 11.01
C GLN C 237 15.49 19.97 10.52
N VAL C 238 14.91 18.86 10.95
CA VAL C 238 13.53 18.53 10.59
C VAL C 238 12.58 19.62 11.07
N ILE C 239 12.79 20.08 12.29
CA ILE C 239 11.95 21.13 12.87
C ILE C 239 12.02 22.40 12.03
N ARG C 240 13.23 22.83 11.68
CA ARG C 240 13.41 24.03 10.88
C ARG C 240 12.69 23.92 9.54
N GLU C 241 12.92 22.80 8.84
CA GLU C 241 12.27 22.56 7.56
C GLU C 241 10.75 22.64 7.71
N SER C 242 10.23 21.90 8.68
CA SER C 242 8.79 21.80 8.88
C SER C 242 8.16 23.13 9.27
N LYS C 243 8.81 23.86 10.18
CA LYS C 243 8.27 25.13 10.67
C LYS C 243 8.08 26.15 9.54
N ARG C 244 8.70 25.89 8.40
CA ARG C 244 8.60 26.79 7.26
C ARG C 244 7.38 26.48 6.41
N THR C 245 6.50 25.61 6.91
CA THR C 245 5.29 25.24 6.20
C THR C 245 4.23 24.69 7.15
N PRO C 246 3.82 25.52 8.13
CA PRO C 246 2.86 25.12 9.17
C PRO C 246 1.47 24.83 8.63
N HIS C 247 0.98 25.70 7.74
CA HIS C 247 -0.36 25.53 7.19
C HIS C 247 -0.46 24.28 6.32
N ALA C 248 0.58 24.02 5.53
CA ALA C 248 0.62 22.85 4.68
C ALA C 248 0.63 21.58 5.52
N TRP C 249 1.35 21.62 6.64
CA TRP C 249 1.39 20.49 7.55
C TRP C 249 0.01 20.21 8.14
N ALA C 250 -0.64 21.26 8.63
CA ALA C 250 -1.97 21.12 9.21
C ALA C 250 -2.93 20.52 8.20
N ALA C 251 -2.87 21.01 6.96
CA ALA C 251 -3.71 20.49 5.90
C ALA C 251 -3.47 19.00 5.68
N MET C 252 -2.20 18.63 5.60
CA MET C 252 -1.83 17.23 5.41
C MET C 252 -2.45 16.35 6.49
N GLN C 253 -2.40 16.82 7.73
CA GLN C 253 -2.95 16.06 8.85
C GLN C 253 -4.46 15.92 8.72
N GLN C 254 -5.11 16.97 8.24
CA GLN C 254 -6.55 16.92 7.99
C GLN C 254 -6.87 15.86 6.95
N VAL C 255 -6.05 15.79 5.91
CA VAL C 255 -6.24 14.79 4.87
C VAL C 255 -6.01 13.38 5.41
N ARG C 256 -4.97 13.21 6.21
CA ARG C 256 -4.69 11.92 6.83
C ARG C 256 -5.88 11.43 7.64
N GLU C 257 -6.48 12.35 8.38
CA GLU C 257 -7.60 12.02 9.26
C GLU C 257 -8.77 11.42 8.49
N MET C 258 -8.96 11.86 7.25
CA MET C 258 -10.08 11.39 6.43
C MET C 258 -9.67 10.33 5.41
N THR C 259 -8.46 9.81 5.54
CA THR C 259 -7.98 8.80 4.60
C THR C 259 -7.23 7.64 5.25
N THR C 260 -5.93 7.82 5.47
CA THR C 260 -5.05 6.71 5.84
C THR C 260 -4.77 6.54 7.33
N ALA C 261 -5.19 7.52 8.13
CA ALA C 261 -4.92 7.48 9.57
C ALA C 261 -5.41 6.19 10.22
N VAL C 262 -4.62 5.66 11.15
CA VAL C 262 -5.00 4.46 11.88
C VAL C 262 -6.04 4.77 12.96
N PRO C 263 -7.22 4.16 12.85
CA PRO C 263 -8.31 4.40 13.80
C PRO C 263 -7.99 3.87 15.19
N LEU C 264 -8.22 4.69 16.21
CA LEU C 264 -7.97 4.29 17.59
C LEU C 264 -8.79 3.06 17.95
N GLU C 265 -10.05 3.04 17.53
CA GLU C 265 -10.94 1.91 17.76
C GLU C 265 -10.35 0.62 17.22
N GLU C 266 -9.71 0.71 16.06
CA GLU C 266 -9.09 -0.46 15.45
C GLU C 266 -7.99 -1.02 16.35
N MET C 267 -7.15 -0.13 16.87
CA MET C 267 -6.06 -0.53 17.74
C MET C 267 -6.57 -1.13 19.05
N MET C 268 -7.72 -0.65 19.50
CA MET C 268 -8.31 -1.12 20.76
C MET C 268 -8.92 -2.52 20.64
N ARG C 269 -9.32 -2.89 19.43
CA ARG C 269 -9.77 -4.25 19.17
C ARG C 269 -8.59 -5.20 19.14
N ILE C 270 -7.46 -4.70 18.66
CA ILE C 270 -6.23 -5.48 18.60
C ILE C 270 -5.69 -5.80 19.99
N THR C 271 -5.95 -4.91 20.94
CA THR C 271 -5.51 -5.12 22.32
C THR C 271 -6.17 -6.36 22.91
N GLU C 272 -7.43 -6.58 22.55
CA GLU C 272 -8.15 -7.78 22.98
C GLU C 272 -7.41 -9.02 22.50
N ILE C 273 -7.00 -9.00 21.24
CA ILE C 273 -6.26 -10.10 20.66
C ILE C 273 -4.91 -10.27 21.37
N TRP C 274 -4.25 -9.15 21.65
CA TRP C 274 -2.95 -9.18 22.30
C TRP C 274 -3.01 -9.80 23.70
N VAL C 275 -3.97 -9.34 24.51
CA VAL C 275 -4.09 -9.82 25.87
C VAL C 275 -4.44 -11.31 25.91
N ASP C 276 -5.36 -11.73 25.04
CA ASP C 276 -5.77 -13.12 24.98
C ASP C 276 -4.58 -14.03 24.67
N THR C 277 -3.67 -13.55 23.84
CA THR C 277 -2.48 -14.32 23.49
C THR C 277 -1.45 -14.30 24.62
N ALA C 278 -1.23 -13.12 25.19
CA ALA C 278 -0.27 -12.96 26.27
C ALA C 278 -0.63 -13.84 27.46
N MET C 279 -1.92 -13.94 27.76
CA MET C 279 -2.39 -14.69 28.91
C MET C 279 -2.17 -16.20 28.74
N GLN C 280 -1.76 -16.61 27.54
CA GLN C 280 -1.57 -18.03 27.27
C GLN C 280 -0.10 -18.42 27.23
N LEU C 281 0.77 -17.49 27.58
CA LEU C 281 2.21 -17.76 27.63
C LEU C 281 2.52 -18.88 28.60
N GLY C 282 3.27 -19.88 28.13
CA GLY C 282 3.64 -21.02 28.95
C GLY C 282 4.75 -20.69 29.94
N GLU C 283 5.09 -21.65 30.79
CA GLU C 283 6.09 -21.42 31.82
C GLU C 283 7.46 -21.11 31.23
N LYS C 284 7.82 -21.80 30.14
CA LYS C 284 9.12 -21.59 29.50
C LYS C 284 9.26 -20.15 29.02
N SER C 285 8.21 -19.64 28.36
CA SER C 285 8.21 -18.26 27.89
C SER C 285 8.37 -17.30 29.07
N LEU C 286 7.67 -17.59 30.17
CA LEU C 286 7.75 -16.77 31.36
C LEU C 286 9.16 -16.75 31.93
N ARG C 287 9.77 -17.92 32.04
CA ARG C 287 11.14 -18.02 32.53
C ARG C 287 12.09 -17.23 31.64
N THR C 288 11.88 -17.32 30.34
CA THR C 288 12.70 -16.58 29.38
C THR C 288 12.54 -15.08 29.61
N MET C 289 11.29 -14.65 29.83
CA MET C 289 11.00 -13.26 30.12
C MET C 289 11.64 -12.83 31.44
N ASP C 290 11.58 -13.72 32.43
CA ASP C 290 12.21 -13.46 33.72
C ASP C 290 13.70 -13.20 33.53
N ARG C 291 14.36 -14.06 32.77
CA ARG C 291 15.79 -13.95 32.55
C ARG C 291 16.14 -12.67 31.80
N LEU C 292 15.33 -12.34 30.80
CA LEU C 292 15.56 -11.13 30.01
C LEU C 292 15.53 -9.90 30.89
N VAL C 293 14.54 -9.83 31.79
CA VAL C 293 14.43 -8.73 32.73
C VAL C 293 15.70 -8.61 33.55
N ARG C 294 16.14 -9.73 34.12
CA ARG C 294 17.37 -9.77 34.91
C ARG C 294 18.56 -9.25 34.10
N ALA C 295 18.76 -9.85 32.92
CA ALA C 295 19.86 -9.45 32.05
C ALA C 295 19.85 -7.95 31.78
N GLN C 296 18.70 -7.46 31.31
CA GLN C 296 18.55 -6.05 31.00
C GLN C 296 18.53 -5.18 32.26
#